data_4OD9
#
_entry.id   4OD9
#
_cell.length_a   42.480
_cell.length_b   73.100
_cell.length_c   234.190
_cell.angle_alpha   90.00
_cell.angle_beta   90.00
_cell.angle_gamma   90.00
#
_symmetry.space_group_name_H-M   'P 21 21 21'
#
loop_
_entity.id
_entity.type
_entity.pdbx_description
1 polymer 'Cathepsin D light chain'
2 polymer 'Cathepsin D heavy chain'
3 branched 2-acetamido-2-deoxy-beta-D-glucopyranose-(1-4)-2-acetamido-2-deoxy-beta-D-glucopyranose
4 non-polymer N-(3,4-dimethoxybenzyl)-Nalpha-{N-[(3,4-dimethoxyphenyl)acetyl]carbamimidoyl}-D-phenylalaninamide
5 non-polymer 2-acetamido-2-deoxy-beta-D-glucopyranose
6 non-polymer 'ACETATE ION'
7 water water
#
loop_
_entity_poly.entity_id
_entity_poly.type
_entity_poly.pdbx_seq_one_letter_code
_entity_poly.pdbx_strand_id
1 'polypeptide(L)'
;PAVTEGPIPEVLKNYMDAQYYGEIGIGTPPQCFTVVFDTGSSNLWVPSIHCKLLDIACWIHHKYNSDKSSTYVKNGTSFD
IHYGSGSLSGYLSQDTVSVPCQS
;
A,C
2 'polypeptide(L)'
;GGVKVERQVFGEATKQPGITFIAAKFDGILGMAYPRISVNNVLPVFDNLMQQKLVDQNIFSFYLSRDPDAQPGGELMLGG
TDSKYYKGSLSYLNVTRKAYWQVHLDQVEVASGLTLCKEGCEAIVDTGTSLMVGPVDEVRELQKAIGAVPLIQGEYMIPC
EKVSTLPAITLKLGGKGYKLSPEDYTLKVSQAGKTLCLSGFMGMDIPPPSGPLWILGDVFIGRYYTVFDRDNNRVGFAEA
ARL
;
B,D
#
loop_
_chem_comp.id
_chem_comp.type
_chem_comp.name
_chem_comp.formula
2RZ non-polymer N-(3,4-dimethoxybenzyl)-Nalpha-{N-[(3,4-dimethoxyphenyl)acetyl]carbamimidoyl}-D-phenylalaninamide 'C29 H34 N4 O6'
ACT non-polymer 'ACETATE ION' 'C2 H3 O2 -1'
NAG D-saccharide, beta linking 2-acetamido-2-deoxy-beta-D-glucopyranose 'C8 H15 N O6'
#
# COMPACT_ATOMS: atom_id res chain seq x y z
N PRO A 7 -2.77 -36.53 -16.96
CA PRO A 7 -3.08 -35.47 -15.98
C PRO A 7 -2.76 -35.87 -14.54
N ILE A 8 -2.25 -34.92 -13.73
CA ILE A 8 -1.85 -35.19 -12.34
C ILE A 8 -2.83 -34.56 -11.35
N PRO A 9 -3.51 -35.36 -10.51
CA PRO A 9 -4.40 -34.77 -9.49
C PRO A 9 -3.61 -34.37 -8.24
N GLU A 10 -3.93 -33.21 -7.73
CA GLU A 10 -3.33 -32.64 -6.54
C GLU A 10 -4.48 -32.36 -5.55
N VAL A 11 -4.57 -33.18 -4.48
CA VAL A 11 -5.61 -32.95 -3.46
C VAL A 11 -5.37 -31.65 -2.75
N LEU A 12 -6.47 -30.98 -2.37
CA LEU A 12 -6.38 -29.73 -1.63
C LEU A 12 -7.12 -29.89 -0.33
N LYS A 13 -6.65 -29.16 0.69
CA LYS A 13 -7.35 -29.07 1.98
C LYS A 13 -8.10 -27.75 1.95
N ASN A 14 -9.18 -27.66 2.71
CA ASN A 14 -10.00 -26.47 2.79
C ASN A 14 -10.05 -26.02 4.24
N TYR A 15 -9.54 -24.81 4.49
CA TYR A 15 -9.65 -24.26 5.82
C TYR A 15 -10.66 -23.13 5.80
N MET A 16 -11.82 -23.37 6.44
CA MET A 16 -12.93 -22.42 6.66
C MET A 16 -13.47 -21.73 5.38
N ASP A 17 -13.41 -22.42 4.20
CA ASP A 17 -13.85 -21.87 2.89
C ASP A 17 -13.03 -20.61 2.53
N ALA A 18 -11.86 -20.45 3.17
CA ALA A 18 -11.03 -19.26 2.98
C ALA A 18 -9.65 -19.55 2.43
N GLN A 19 -9.07 -20.70 2.83
CA GLN A 19 -7.73 -21.05 2.37
C GLN A 19 -7.77 -22.47 1.80
N TYR A 20 -7.39 -22.59 0.54
CA TYR A 20 -7.33 -23.89 -0.16
C TYR A 20 -5.89 -24.12 -0.49
N TYR A 21 -5.34 -25.24 0.01
CA TYR A 21 -3.91 -25.46 -0.14
C TYR A 21 -3.59 -26.94 -0.29
N GLY A 22 -2.50 -27.23 -0.99
CA GLY A 22 -2.05 -28.58 -1.23
C GLY A 22 -0.55 -28.74 -0.95
N GLU A 23 -0.11 -29.99 -0.86
CA GLU A 23 1.29 -30.28 -0.60
C GLU A 23 2.16 -30.36 -1.87
N ILE A 24 3.31 -29.69 -1.81
CA ILE A 24 4.35 -29.74 -2.86
C ILE A 24 5.69 -30.13 -2.20
N GLY A 25 6.67 -30.42 -3.04
CA GLY A 25 8.02 -30.71 -2.60
C GLY A 25 8.99 -29.78 -3.29
N ILE A 26 10.03 -29.37 -2.56
CA ILE A 26 11.10 -28.55 -3.14
C ILE A 26 12.41 -29.21 -2.75
N GLY A 27 13.26 -29.44 -3.75
CA GLY A 27 14.57 -30.07 -3.53
C GLY A 27 14.71 -31.54 -3.78
N THR A 28 15.96 -32.02 -3.66
CA THR A 28 16.33 -33.43 -3.80
C THR A 28 17.07 -33.89 -2.54
N PRO A 29 16.48 -34.76 -1.69
CA PRO A 29 15.12 -35.32 -1.76
C PRO A 29 14.07 -34.21 -1.50
N PRO A 30 12.79 -34.40 -1.87
CA PRO A 30 11.82 -33.30 -1.69
C PRO A 30 11.57 -32.95 -0.23
N GLN A 31 11.52 -31.66 0.05
CA GLN A 31 11.19 -31.08 1.36
C GLN A 31 9.72 -30.64 1.18
N CYS A 32 8.80 -31.14 2.02
CA CYS A 32 7.38 -30.86 1.84
C CYS A 32 6.92 -29.51 2.41
N PHE A 33 6.03 -28.85 1.67
CA PHE A 33 5.42 -27.56 2.00
C PHE A 33 3.97 -27.56 1.57
N THR A 34 3.14 -26.77 2.26
CA THR A 34 1.77 -26.61 1.82
C THR A 34 1.72 -25.22 1.18
N VAL A 35 1.04 -25.13 0.05
CA VAL A 35 0.92 -23.86 -0.65
C VAL A 35 -0.50 -23.65 -1.17
N VAL A 36 -0.88 -22.36 -1.29
CA VAL A 36 -2.09 -21.99 -1.99
C VAL A 36 -1.68 -21.95 -3.48
N PHE A 37 -2.38 -22.72 -4.34
CA PHE A 37 -2.20 -22.67 -5.79
C PHE A 37 -3.08 -21.47 -6.15
N ASP A 38 -2.43 -20.35 -6.47
CA ASP A 38 -3.01 -19.02 -6.58
C ASP A 38 -2.99 -18.44 -7.98
N THR A 39 -4.16 -18.39 -8.63
CA THR A 39 -4.27 -17.89 -9.99
C THR A 39 -4.24 -16.36 -10.07
N GLY A 40 -4.12 -15.69 -8.91
CA GLY A 40 -4.05 -14.23 -8.81
C GLY A 40 -2.65 -13.68 -8.63
N SER A 41 -1.65 -14.57 -8.63
CA SER A 41 -0.24 -14.16 -8.50
C SER A 41 0.63 -15.11 -9.32
N SER A 42 1.93 -14.77 -9.54
CA SER A 42 2.77 -15.61 -10.40
C SER A 42 4.06 -16.10 -9.80
N ASN A 43 4.30 -15.85 -8.53
CA ASN A 43 5.53 -16.35 -7.91
C ASN A 43 5.28 -17.49 -6.95
N LEU A 44 6.26 -18.36 -6.85
CA LEU A 44 6.29 -19.41 -5.86
C LEU A 44 7.25 -18.93 -4.77
N TRP A 45 6.85 -19.08 -3.51
CA TRP A 45 7.71 -18.82 -2.37
C TRP A 45 7.31 -19.71 -1.20
N VAL A 46 8.30 -20.04 -0.34
CA VAL A 46 8.10 -20.80 0.90
C VAL A 46 8.99 -20.14 1.99
N PRO A 47 8.75 -20.39 3.31
CA PRO A 47 9.63 -19.83 4.33
C PRO A 47 11.04 -20.46 4.24
N SER A 48 12.05 -19.65 4.54
CA SER A 48 13.44 -20.09 4.57
C SER A 48 13.85 -20.50 5.97
N ILE A 49 14.80 -21.47 6.06
CA ILE A 49 15.42 -21.83 7.32
C ILE A 49 16.21 -20.59 7.84
N HIS A 50 16.54 -19.64 6.91
CA HIS A 50 17.25 -18.40 7.20
C HIS A 50 16.31 -17.23 7.50
N CYS A 51 15.02 -17.51 7.81
CA CYS A 51 14.08 -16.45 8.20
C CYS A 51 14.59 -15.74 9.45
N LYS A 52 14.34 -14.42 9.55
CA LYS A 52 14.75 -13.62 10.69
C LYS A 52 13.98 -14.07 11.95
N LEU A 53 14.59 -13.93 13.14
CA LEU A 53 13.95 -14.26 14.41
C LEU A 53 12.65 -13.48 14.59
N LEU A 54 12.59 -12.25 14.06
CA LEU A 54 11.42 -11.35 14.13
C LEU A 54 10.20 -11.91 13.41
N ASP A 55 10.40 -12.81 12.44
CA ASP A 55 9.35 -13.45 11.67
C ASP A 55 8.65 -14.59 12.45
N ILE A 56 7.64 -14.24 13.24
CA ILE A 56 6.87 -15.19 14.05
C ILE A 56 6.21 -16.28 13.18
N ALA A 57 5.71 -15.92 11.97
CA ALA A 57 5.06 -16.92 11.10
C ALA A 57 5.98 -18.09 10.81
N CYS A 58 7.27 -17.82 10.61
CA CYS A 58 8.21 -18.90 10.28
C CYS A 58 8.54 -19.85 11.49
N TRP A 59 8.17 -19.47 12.72
CA TRP A 59 8.35 -20.35 13.90
C TRP A 59 7.44 -21.57 13.77
N ILE A 60 6.29 -21.41 13.12
CA ILE A 60 5.29 -22.47 13.06
C ILE A 60 4.90 -22.88 11.64
N HIS A 61 5.82 -22.68 10.69
CA HIS A 61 5.59 -23.11 9.32
C HIS A 61 6.84 -23.88 8.87
N HIS A 62 6.70 -24.75 7.86
CA HIS A 62 7.85 -25.54 7.36
C HIS A 62 8.83 -24.59 6.65
N LYS A 63 10.12 -24.89 6.79
CA LYS A 63 11.20 -24.07 6.26
C LYS A 63 12.08 -24.83 5.33
N TYR A 64 12.41 -24.21 4.20
CA TYR A 64 13.31 -24.79 3.20
C TYR A 64 14.76 -24.65 3.64
N ASN A 65 15.50 -25.75 3.57
CA ASN A 65 16.92 -25.81 3.90
C ASN A 65 17.71 -26.18 2.65
N SER A 66 18.32 -25.17 2.01
CA SER A 66 19.10 -25.40 0.79
C SER A 66 20.28 -26.39 0.97
N ASP A 67 20.84 -26.48 2.19
CA ASP A 67 21.98 -27.37 2.50
C ASP A 67 21.66 -28.87 2.35
N LYS A 68 20.39 -29.24 2.44
CA LYS A 68 19.90 -30.62 2.34
C LYS A 68 19.46 -31.02 0.91
N SER A 69 19.60 -30.09 -0.05
CA SER A 69 19.21 -30.38 -1.43
C SER A 69 20.40 -30.45 -2.38
N SER A 70 20.52 -31.58 -3.06
CA SER A 70 21.59 -31.78 -4.06
C SER A 70 21.32 -31.01 -5.38
N THR A 71 20.07 -30.58 -5.63
CA THR A 71 19.69 -29.84 -6.85
C THR A 71 19.46 -28.34 -6.61
N TYR A 72 19.77 -27.87 -5.38
CA TYR A 72 19.73 -26.45 -5.03
C TYR A 72 20.79 -25.71 -5.86
N VAL A 73 20.39 -24.56 -6.42
CA VAL A 73 21.27 -23.69 -7.21
C VAL A 73 21.11 -22.30 -6.62
N LYS A 74 22.21 -21.74 -6.09
CA LYS A 74 22.16 -20.43 -5.48
C LYS A 74 21.79 -19.33 -6.49
N ASN A 75 20.97 -18.38 -6.03
CA ASN A 75 20.63 -17.22 -6.83
C ASN A 75 20.96 -15.98 -5.97
N GLY A 76 20.18 -15.74 -4.92
CA GLY A 76 20.43 -14.70 -3.94
C GLY A 76 19.87 -13.32 -4.19
N THR A 77 19.25 -13.10 -5.38
CA THR A 77 18.61 -11.83 -5.76
C THR A 77 17.48 -11.57 -4.75
N SER A 78 17.34 -10.32 -4.27
CA SER A 78 16.29 -9.94 -3.32
C SER A 78 14.95 -9.88 -4.01
N PHE A 79 13.88 -10.19 -3.27
CA PHE A 79 12.52 -10.05 -3.77
C PHE A 79 11.69 -9.43 -2.67
N ASP A 80 10.64 -8.75 -3.08
CA ASP A 80 9.64 -8.13 -2.21
C ASP A 80 8.31 -8.35 -2.90
N ILE A 81 7.37 -9.03 -2.25
CA ILE A 81 6.04 -9.29 -2.82
C ILE A 81 4.99 -8.63 -1.95
N HIS A 82 4.10 -7.85 -2.59
CA HIS A 82 2.95 -7.19 -1.97
C HIS A 82 1.66 -7.81 -2.54
N TYR A 83 0.81 -8.35 -1.69
CA TYR A 83 -0.49 -8.85 -2.09
C TYR A 83 -1.49 -7.73 -1.80
N GLY A 84 -2.70 -8.08 -1.44
CA GLY A 84 -3.68 -7.12 -0.97
C GLY A 84 -3.60 -7.18 0.55
N SER A 85 -3.64 -8.45 1.06
CA SER A 85 -3.52 -8.83 2.49
C SER A 85 -2.30 -8.22 3.24
N GLY A 86 -1.11 -8.38 2.66
CA GLY A 86 0.14 -7.91 3.24
C GLY A 86 1.35 -8.12 2.34
N SER A 87 2.57 -8.15 2.93
CA SER A 87 3.82 -8.29 2.17
C SER A 87 4.80 -9.28 2.76
N LEU A 88 5.85 -9.57 2.00
CA LEU A 88 6.93 -10.45 2.43
C LEU A 88 8.16 -10.19 1.60
N SER A 89 9.32 -10.59 2.11
CA SER A 89 10.58 -10.44 1.39
C SER A 89 11.52 -11.60 1.70
N GLY A 90 12.54 -11.72 0.86
CA GLY A 90 13.56 -12.76 1.00
C GLY A 90 14.50 -12.69 -0.17
N TYR A 91 14.98 -13.86 -0.58
CA TYR A 91 15.89 -13.93 -1.72
C TYR A 91 15.51 -15.11 -2.62
N LEU A 92 15.98 -15.10 -3.87
CA LEU A 92 15.67 -16.16 -4.81
C LEU A 92 16.64 -17.31 -4.74
N SER A 93 16.13 -18.48 -5.04
CA SER A 93 16.88 -19.74 -5.10
C SER A 93 16.33 -20.54 -6.27
N GLN A 94 17.00 -21.63 -6.64
CA GLN A 94 16.54 -22.48 -7.74
C GLN A 94 16.62 -23.92 -7.28
N ASP A 95 15.57 -24.70 -7.57
CA ASP A 95 15.53 -26.13 -7.23
C ASP A 95 14.42 -26.86 -7.98
N THR A 96 14.31 -28.17 -7.80
CA THR A 96 13.27 -29.00 -8.40
C THR A 96 11.99 -28.89 -7.57
N VAL A 97 10.85 -28.65 -8.22
CA VAL A 97 9.54 -28.57 -7.54
C VAL A 97 8.72 -29.80 -7.91
N SER A 98 8.31 -30.57 -6.91
CA SER A 98 7.51 -31.78 -7.07
C SER A 98 6.05 -31.48 -6.73
N VAL A 99 5.12 -31.98 -7.56
CA VAL A 99 3.69 -31.86 -7.31
C VAL A 99 3.06 -33.25 -7.59
N PRO A 100 2.56 -33.99 -6.58
CA PRO A 100 2.55 -33.72 -5.12
C PRO A 100 3.99 -33.82 -4.54
N CYS A 101 4.17 -33.77 -3.20
CA CYS A 101 5.52 -33.77 -2.62
C CYS A 101 6.42 -34.95 -3.08
N GLN A 102 5.87 -36.17 -3.19
CA GLN A 102 6.58 -37.37 -3.62
C GLN A 102 7.81 -37.70 -2.73
N SER A 103 7.73 -37.40 -1.43
CA SER A 103 8.79 -37.70 -0.47
C SER A 103 8.90 -39.19 -0.15
N GLY B 2 3.05 -38.30 -10.40
CA GLY B 2 3.28 -36.91 -10.09
C GLY B 2 4.17 -36.22 -11.11
N VAL B 3 4.47 -34.95 -10.88
CA VAL B 3 5.33 -34.17 -11.78
C VAL B 3 6.57 -33.64 -11.02
N LYS B 4 7.70 -33.50 -11.71
CA LYS B 4 8.91 -32.89 -11.17
C LYS B 4 9.34 -31.78 -12.13
N VAL B 5 9.17 -30.54 -11.70
CA VAL B 5 9.49 -29.36 -12.48
C VAL B 5 10.95 -28.99 -12.17
N GLU B 6 11.85 -29.23 -13.12
CA GLU B 6 13.27 -28.96 -12.89
C GLU B 6 13.61 -27.48 -12.97
N ARG B 7 14.69 -27.10 -12.26
CA ARG B 7 15.30 -25.78 -12.32
C ARG B 7 14.30 -24.64 -12.19
N GLN B 8 13.41 -24.74 -11.20
CA GLN B 8 12.43 -23.72 -10.93
C GLN B 8 13.00 -22.63 -10.02
N VAL B 9 12.87 -21.37 -10.41
CA VAL B 9 13.27 -20.25 -9.54
C VAL B 9 12.09 -19.92 -8.61
N PHE B 10 12.37 -19.78 -7.31
CA PHE B 10 11.34 -19.51 -6.30
C PHE B 10 11.93 -18.66 -5.19
N GLY B 11 11.08 -18.10 -4.34
CA GLY B 11 11.53 -17.29 -3.22
C GLY B 11 11.68 -18.01 -1.89
N GLU B 12 12.81 -17.76 -1.23
CA GLU B 12 13.05 -18.22 0.15
C GLU B 12 12.66 -17.01 1.03
N ALA B 13 11.47 -17.03 1.67
CA ALA B 13 11.00 -15.91 2.50
C ALA B 13 11.78 -15.80 3.82
N THR B 14 12.30 -14.61 4.12
CA THR B 14 13.05 -14.37 5.37
C THR B 14 12.34 -13.39 6.29
N LYS B 15 11.45 -12.54 5.75
CA LYS B 15 10.67 -11.54 6.51
C LYS B 15 9.21 -11.59 6.08
N GLN B 16 8.31 -11.64 7.07
CA GLN B 16 6.87 -11.67 6.88
C GLN B 16 6.27 -10.73 7.91
N PRO B 17 6.30 -9.41 7.65
CA PRO B 17 5.81 -8.44 8.67
C PRO B 17 4.32 -8.50 8.91
N GLY B 18 3.90 -8.19 10.13
CA GLY B 18 2.48 -8.21 10.45
C GLY B 18 2.05 -9.60 10.89
N ILE B 19 0.76 -9.82 10.95
CA ILE B 19 0.21 -11.08 11.46
C ILE B 19 -0.32 -11.99 10.37
N THR B 20 -0.38 -11.50 9.12
CA THR B 20 -0.92 -12.12 7.90
C THR B 20 -0.69 -13.62 7.82
N PHE B 21 0.58 -13.99 7.86
CA PHE B 21 1.00 -15.36 7.66
C PHE B 21 1.12 -16.18 8.94
N ILE B 22 0.92 -15.58 10.11
CA ILE B 22 1.04 -16.32 11.36
C ILE B 22 -0.06 -17.39 11.48
N ALA B 23 -1.34 -16.99 11.43
CA ALA B 23 -2.46 -17.93 11.57
C ALA B 23 -2.71 -18.80 10.33
N ALA B 24 -2.32 -18.34 9.10
CA ALA B 24 -2.52 -19.10 7.84
C ALA B 24 -2.11 -20.53 7.95
N LYS B 25 -2.96 -21.47 7.46
CA LYS B 25 -2.68 -22.91 7.57
C LYS B 25 -1.52 -23.34 6.68
N PHE B 26 -1.35 -22.65 5.56
CA PHE B 26 -0.34 -22.96 4.54
C PHE B 26 1.04 -22.35 4.82
N ASP B 27 2.08 -22.92 4.20
CA ASP B 27 3.48 -22.43 4.31
C ASP B 27 3.80 -21.32 3.30
N GLY B 28 3.36 -21.48 2.08
CA GLY B 28 3.67 -20.52 1.02
C GLY B 28 2.61 -20.37 -0.04
N ILE B 29 3.00 -19.69 -1.15
CA ILE B 29 2.13 -19.42 -2.30
C ILE B 29 2.78 -19.93 -3.54
N LEU B 30 2.01 -20.57 -4.41
CA LEU B 30 2.52 -21.02 -5.68
C LEU B 30 1.64 -20.31 -6.73
N GLY B 31 2.14 -19.22 -7.27
CA GLY B 31 1.42 -18.42 -8.26
C GLY B 31 1.19 -19.13 -9.58
N MET B 32 -0.03 -19.03 -10.13
CA MET B 32 -0.42 -19.68 -11.39
C MET B 32 -0.99 -18.73 -12.43
N ALA B 33 -0.70 -17.42 -12.32
CA ALA B 33 -1.16 -16.44 -13.30
C ALA B 33 -0.07 -16.33 -14.39
N TYR B 34 -0.16 -15.31 -15.26
CA TYR B 34 0.78 -15.19 -16.37
C TYR B 34 2.15 -14.60 -15.97
N PRO B 35 3.24 -14.85 -16.76
CA PRO B 35 4.55 -14.27 -16.43
C PRO B 35 4.58 -12.75 -16.26
N ARG B 36 3.69 -12.01 -16.97
CA ARG B 36 3.59 -10.53 -16.90
C ARG B 36 3.62 -9.95 -15.45
N ILE B 37 2.95 -10.62 -14.50
CA ILE B 37 2.87 -10.08 -13.13
C ILE B 37 3.85 -10.76 -12.17
N SER B 38 4.79 -11.56 -12.70
CA SER B 38 5.76 -12.24 -11.86
C SER B 38 6.80 -11.23 -11.36
N VAL B 39 6.96 -11.14 -10.02
CA VAL B 39 7.97 -10.28 -9.40
C VAL B 39 9.34 -10.79 -9.81
N ASN B 40 10.25 -9.87 -10.23
CA ASN B 40 11.59 -10.13 -10.74
C ASN B 40 11.56 -10.86 -12.08
N ASN B 41 10.39 -10.87 -12.76
CA ASN B 41 10.17 -11.54 -14.05
C ASN B 41 10.61 -13.03 -14.00
N VAL B 42 10.35 -13.70 -12.86
CA VAL B 42 10.70 -15.12 -12.65
C VAL B 42 9.76 -15.97 -13.51
N LEU B 43 10.28 -16.97 -14.26
CA LEU B 43 9.43 -17.89 -15.02
C LEU B 43 8.57 -18.71 -14.01
N PRO B 44 7.22 -18.58 -14.07
CA PRO B 44 6.37 -19.29 -13.10
C PRO B 44 6.38 -20.80 -13.28
N VAL B 45 6.01 -21.52 -12.22
CA VAL B 45 5.98 -22.99 -12.19
C VAL B 45 5.27 -23.58 -13.41
N PHE B 46 4.01 -23.14 -13.69
CA PHE B 46 3.27 -23.73 -14.80
C PHE B 46 3.92 -23.44 -16.14
N ASP B 47 4.53 -22.26 -16.29
CA ASP B 47 5.24 -21.89 -17.53
C ASP B 47 6.45 -22.80 -17.74
N ASN B 48 7.18 -23.11 -16.65
CA ASN B 48 8.36 -23.97 -16.71
C ASN B 48 7.89 -25.38 -17.04
N LEU B 49 6.76 -25.80 -16.42
CA LEU B 49 6.15 -27.10 -16.62
C LEU B 49 5.79 -27.27 -18.10
N MET B 50 5.20 -26.22 -18.73
CA MET B 50 4.85 -26.22 -20.17
C MET B 50 6.08 -26.31 -21.05
N GLN B 51 7.14 -25.50 -20.74
CA GLN B 51 8.37 -25.44 -21.54
C GLN B 51 9.09 -26.79 -21.48
N GLN B 52 8.92 -27.52 -20.36
CA GLN B 52 9.54 -28.84 -20.17
C GLN B 52 8.68 -29.98 -20.73
N LYS B 53 7.48 -29.64 -21.25
CA LYS B 53 6.53 -30.58 -21.86
C LYS B 53 6.16 -31.73 -20.89
N LEU B 54 5.87 -31.38 -19.62
CA LEU B 54 5.57 -32.38 -18.60
C LEU B 54 4.10 -32.82 -18.59
N VAL B 55 3.25 -32.09 -19.35
CA VAL B 55 1.84 -32.44 -19.55
C VAL B 55 1.55 -32.31 -21.04
N ASP B 56 0.59 -33.10 -21.53
CA ASP B 56 0.18 -33.05 -22.93
C ASP B 56 -0.72 -31.85 -23.19
N GLN B 57 -1.63 -31.53 -22.25
CA GLN B 57 -2.54 -30.38 -22.36
C GLN B 57 -2.08 -29.29 -21.42
N ASN B 58 -1.91 -28.06 -21.92
CA ASN B 58 -1.48 -26.96 -21.07
C ASN B 58 -2.65 -26.26 -20.41
N ILE B 59 -3.40 -27.02 -19.62
CA ILE B 59 -4.56 -26.53 -18.88
C ILE B 59 -4.44 -27.06 -17.44
N PHE B 60 -5.10 -26.40 -16.50
CA PHE B 60 -5.17 -26.86 -15.11
C PHE B 60 -6.54 -26.46 -14.59
N SER B 61 -7.10 -27.26 -13.68
CA SER B 61 -8.48 -27.05 -13.23
C SER B 61 -8.64 -27.15 -11.74
N PHE B 62 -9.59 -26.41 -11.18
CA PHE B 62 -9.89 -26.40 -9.75
C PHE B 62 -11.29 -26.77 -9.42
N TYR B 63 -11.40 -27.67 -8.45
CA TYR B 63 -12.63 -28.01 -7.75
C TYR B 63 -12.34 -27.47 -6.35
N LEU B 64 -13.22 -26.65 -5.79
CA LEU B 64 -13.06 -26.18 -4.40
C LEU B 64 -14.33 -26.52 -3.64
N SER B 65 -14.21 -27.29 -2.56
CA SER B 65 -15.39 -27.66 -1.78
C SER B 65 -15.88 -26.44 -0.99
N ARG B 66 -17.21 -26.27 -0.87
CA ARG B 66 -17.77 -25.15 -0.11
C ARG B 66 -18.29 -25.59 1.28
N ASP B 67 -18.12 -26.86 1.57
CA ASP B 67 -18.41 -27.43 2.87
C ASP B 67 -17.04 -27.73 3.51
N PRO B 68 -16.65 -27.03 4.60
CA PRO B 68 -15.33 -27.30 5.22
C PRO B 68 -15.16 -28.72 5.79
N ASP B 69 -16.25 -29.45 6.03
CA ASP B 69 -16.17 -30.83 6.54
C ASP B 69 -15.78 -31.85 5.45
N ALA B 70 -16.11 -31.58 4.18
CA ALA B 70 -15.93 -32.46 3.01
C ALA B 70 -14.50 -32.96 2.77
N GLN B 71 -14.40 -34.19 2.23
CA GLN B 71 -13.16 -34.88 1.88
C GLN B 71 -13.24 -35.24 0.38
N PRO B 72 -12.38 -34.66 -0.47
CA PRO B 72 -11.31 -33.71 -0.16
C PRO B 72 -11.83 -32.27 -0.05
N GLY B 73 -10.97 -31.37 0.43
CA GLY B 73 -11.34 -29.96 0.53
C GLY B 73 -11.32 -29.31 -0.84
N GLY B 74 -10.68 -29.97 -1.80
CA GLY B 74 -10.58 -29.47 -3.16
C GLY B 74 -9.66 -30.34 -3.98
N GLU B 75 -9.56 -30.02 -5.29
CA GLU B 75 -8.65 -30.72 -6.19
C GLU B 75 -8.19 -29.84 -7.31
N LEU B 76 -6.86 -29.79 -7.49
CA LEU B 76 -6.25 -29.12 -8.63
C LEU B 76 -5.84 -30.25 -9.58
N MET B 77 -6.25 -30.16 -10.85
CA MET B 77 -5.87 -31.16 -11.84
C MET B 77 -4.88 -30.48 -12.78
N LEU B 78 -3.62 -30.97 -12.83
CA LEU B 78 -2.63 -30.41 -13.74
C LEU B 78 -2.66 -31.19 -15.05
N GLY B 79 -2.89 -30.51 -16.15
CA GLY B 79 -2.93 -31.16 -17.47
C GLY B 79 -4.28 -31.72 -17.86
N GLY B 80 -5.34 -31.33 -17.16
CA GLY B 80 -6.66 -31.82 -17.52
C GLY B 80 -7.77 -31.30 -16.64
N THR B 81 -8.97 -31.88 -16.78
CA THR B 81 -10.15 -31.55 -15.99
C THR B 81 -10.59 -32.84 -15.31
N ASP B 82 -11.46 -32.76 -14.31
CA ASP B 82 -11.93 -33.94 -13.60
C ASP B 82 -13.44 -33.88 -13.56
N SER B 83 -14.11 -34.62 -14.48
CA SER B 83 -15.58 -34.69 -14.65
C SER B 83 -16.29 -35.17 -13.40
N LYS B 84 -15.59 -35.84 -12.47
CA LYS B 84 -16.23 -36.27 -11.24
C LYS B 84 -16.64 -35.05 -10.36
N TYR B 85 -16.00 -33.88 -10.60
CA TYR B 85 -16.29 -32.69 -9.79
C TYR B 85 -17.11 -31.61 -10.49
N TYR B 86 -17.63 -31.90 -11.68
CA TYR B 86 -18.52 -30.96 -12.35
C TYR B 86 -19.61 -31.69 -13.12
N LYS B 87 -20.68 -30.96 -13.42
CA LYS B 87 -21.87 -31.47 -14.10
C LYS B 87 -22.05 -30.66 -15.37
N GLY B 88 -22.58 -31.30 -16.39
CA GLY B 88 -22.83 -30.67 -17.68
C GLY B 88 -21.58 -30.33 -18.43
N SER B 89 -21.67 -29.37 -19.35
CA SER B 89 -20.51 -29.01 -20.16
C SER B 89 -19.81 -27.72 -19.70
N LEU B 90 -18.53 -27.59 -20.05
CA LEU B 90 -17.77 -26.38 -19.77
C LEU B 90 -18.18 -25.29 -20.78
N SER B 91 -18.35 -24.06 -20.30
CA SER B 91 -18.59 -22.86 -21.10
C SER B 91 -17.33 -22.00 -20.96
N TYR B 92 -16.75 -21.59 -22.09
CA TYR B 92 -15.49 -20.86 -22.15
C TYR B 92 -15.62 -19.37 -22.42
N LEU B 93 -14.67 -18.57 -21.91
CA LEU B 93 -14.58 -17.12 -22.15
C LEU B 93 -13.16 -16.87 -22.46
N ASN B 94 -12.87 -15.94 -23.39
CA ASN B 94 -11.48 -15.64 -23.71
C ASN B 94 -10.87 -14.71 -22.66
N VAL B 95 -9.56 -14.89 -22.40
CA VAL B 95 -8.81 -14.02 -21.51
C VAL B 95 -8.67 -12.68 -22.28
N THR B 96 -8.99 -11.54 -21.64
CA THR B 96 -8.93 -10.22 -22.31
C THR B 96 -7.62 -9.48 -22.09
N ARG B 97 -6.80 -9.89 -21.09
CA ARG B 97 -5.48 -9.34 -20.77
C ARG B 97 -4.68 -10.46 -20.08
N LYS B 98 -3.55 -10.86 -20.69
CA LYS B 98 -2.75 -11.95 -20.14
C LYS B 98 -1.78 -11.61 -19.02
N ALA B 99 -2.30 -11.30 -17.82
CA ALA B 99 -1.48 -10.96 -16.65
C ALA B 99 -2.12 -11.73 -15.51
N TYR B 100 -3.30 -11.25 -15.04
CA TYR B 100 -4.12 -12.07 -14.16
C TYR B 100 -4.94 -12.94 -15.17
N TRP B 101 -5.77 -13.86 -14.68
CA TRP B 101 -6.65 -14.62 -15.59
C TRP B 101 -7.90 -13.71 -15.71
N GLN B 102 -7.81 -12.72 -16.61
CA GLN B 102 -8.82 -11.67 -16.77
C GLN B 102 -9.78 -11.98 -17.89
N VAL B 103 -11.06 -11.78 -17.61
CA VAL B 103 -12.18 -12.03 -18.53
C VAL B 103 -13.13 -10.82 -18.47
N HIS B 104 -14.01 -10.72 -19.47
CA HIS B 104 -14.99 -9.66 -19.53
C HIS B 104 -16.25 -10.08 -18.76
N LEU B 105 -16.68 -9.22 -17.82
CA LEU B 105 -17.89 -9.45 -17.03
C LEU B 105 -18.98 -8.55 -17.64
N ASP B 106 -20.05 -9.15 -18.18
CA ASP B 106 -21.13 -8.44 -18.86
C ASP B 106 -21.95 -7.57 -17.91
N GLN B 107 -22.29 -8.11 -16.73
CA GLN B 107 -23.03 -7.40 -15.68
C GLN B 107 -23.21 -8.24 -14.44
N VAL B 108 -23.67 -7.61 -13.34
CA VAL B 108 -23.96 -8.25 -12.06
C VAL B 108 -25.41 -7.88 -11.73
N GLU B 109 -26.30 -8.89 -11.60
CA GLU B 109 -27.71 -8.67 -11.33
C GLU B 109 -28.14 -9.21 -10.00
N VAL B 110 -28.79 -8.35 -9.22
CA VAL B 110 -29.37 -8.77 -7.94
C VAL B 110 -30.83 -9.05 -8.29
N ALA B 111 -31.36 -10.23 -7.93
CA ALA B 111 -32.73 -10.62 -8.31
C ALA B 111 -33.81 -9.62 -7.90
N SER B 112 -33.61 -8.86 -6.81
CA SER B 112 -34.56 -7.84 -6.39
C SER B 112 -34.58 -6.57 -7.30
N GLY B 113 -33.64 -6.47 -8.25
CA GLY B 113 -33.65 -5.37 -9.22
C GLY B 113 -32.36 -4.67 -9.53
N LEU B 114 -31.50 -4.48 -8.50
CA LEU B 114 -30.24 -3.77 -8.64
C LEU B 114 -29.32 -4.39 -9.71
N THR B 115 -28.76 -3.54 -10.58
CA THR B 115 -27.82 -3.97 -11.62
C THR B 115 -26.51 -3.20 -11.39
N LEU B 116 -25.42 -3.92 -11.33
CA LEU B 116 -24.07 -3.37 -11.16
C LEU B 116 -23.29 -3.76 -12.39
N CYS B 117 -22.14 -3.07 -12.69
CA CYS B 117 -21.35 -3.38 -13.89
C CYS B 117 -22.32 -3.35 -15.08
N LYS B 118 -23.18 -2.28 -15.12
CA LYS B 118 -24.30 -2.15 -16.05
C LYS B 118 -23.94 -2.26 -17.49
N GLU B 119 -22.81 -1.66 -17.89
CA GLU B 119 -22.37 -1.67 -19.27
C GLU B 119 -21.15 -2.58 -19.49
N GLY B 120 -20.92 -3.54 -18.60
CA GLY B 120 -19.76 -4.43 -18.76
C GLY B 120 -18.54 -3.90 -18.04
N CYS B 121 -17.68 -4.79 -17.56
CA CYS B 121 -16.48 -4.44 -16.82
C CYS B 121 -15.47 -5.59 -16.90
N GLU B 122 -14.31 -5.42 -16.27
CA GLU B 122 -13.25 -6.43 -16.29
C GLU B 122 -13.23 -7.17 -14.96
N ALA B 123 -12.96 -8.48 -15.01
CA ALA B 123 -12.92 -9.31 -13.81
C ALA B 123 -11.80 -10.31 -13.91
N ILE B 124 -11.28 -10.73 -12.75
CA ILE B 124 -10.25 -11.76 -12.74
C ILE B 124 -10.75 -12.98 -12.01
N VAL B 125 -10.22 -14.16 -12.36
CA VAL B 125 -10.61 -15.43 -11.74
C VAL B 125 -9.43 -15.81 -10.86
N ASP B 126 -9.61 -15.64 -9.54
CA ASP B 126 -8.55 -15.78 -8.55
C ASP B 126 -8.81 -16.79 -7.42
N THR B 127 -8.11 -17.93 -7.47
CA THR B 127 -8.21 -18.96 -6.42
C THR B 127 -7.59 -18.51 -5.07
N GLY B 128 -6.73 -17.49 -5.13
CA GLY B 128 -6.06 -16.94 -3.96
C GLY B 128 -6.79 -15.83 -3.25
N THR B 129 -7.99 -15.42 -3.76
CA THR B 129 -8.86 -14.43 -3.09
C THR B 129 -10.05 -15.21 -2.53
N SER B 130 -10.27 -15.15 -1.20
CA SER B 130 -11.35 -15.89 -0.55
C SER B 130 -12.75 -15.42 -1.00
N LEU B 131 -12.95 -14.12 -1.07
CA LEU B 131 -14.29 -13.55 -1.37
C LEU B 131 -14.43 -13.02 -2.78
N MET B 132 -15.65 -12.57 -3.13
CA MET B 132 -15.91 -11.82 -4.36
C MET B 132 -15.48 -10.41 -4.00
N VAL B 133 -14.83 -9.71 -4.92
CA VAL B 133 -14.40 -8.33 -4.67
C VAL B 133 -14.97 -7.48 -5.79
N GLY B 134 -15.51 -6.31 -5.43
CA GLY B 134 -16.00 -5.37 -6.41
C GLY B 134 -15.72 -3.96 -5.98
N PRO B 135 -15.91 -2.95 -6.88
CA PRO B 135 -15.65 -1.55 -6.50
C PRO B 135 -16.41 -1.13 -5.25
N VAL B 136 -15.76 -0.30 -4.41
CA VAL B 136 -16.30 0.16 -3.12
C VAL B 136 -17.74 0.67 -3.23
N ASP B 137 -18.01 1.61 -4.18
CA ASP B 137 -19.35 2.22 -4.27
C ASP B 137 -20.43 1.25 -4.73
N GLU B 138 -20.10 0.38 -5.70
CA GLU B 138 -21.05 -0.63 -6.21
C GLU B 138 -21.33 -1.70 -5.16
N VAL B 139 -20.27 -2.19 -4.46
CA VAL B 139 -20.48 -3.18 -3.38
C VAL B 139 -21.33 -2.55 -2.27
N ARG B 140 -21.10 -1.26 -1.95
CA ARG B 140 -21.94 -0.53 -0.96
C ARG B 140 -23.43 -0.61 -1.35
N GLU B 141 -23.75 -0.43 -2.65
CA GLU B 141 -25.14 -0.55 -3.15
C GLU B 141 -25.67 -1.98 -3.01
N LEU B 142 -24.86 -2.99 -3.38
CA LEU B 142 -25.22 -4.40 -3.29
C LEU B 142 -25.54 -4.79 -1.84
N GLN B 143 -24.69 -4.35 -0.88
CA GLN B 143 -24.86 -4.66 0.55
C GLN B 143 -26.11 -4.04 1.14
N LYS B 144 -26.49 -2.85 0.64
CA LYS B 144 -27.74 -2.17 1.05
C LYS B 144 -28.94 -2.99 0.55
N ALA B 145 -28.86 -3.55 -0.68
CA ALA B 145 -29.94 -4.35 -1.28
C ALA B 145 -30.19 -5.67 -0.55
N ILE B 146 -29.15 -6.24 0.09
CA ILE B 146 -29.30 -7.50 0.82
C ILE B 146 -29.39 -7.30 2.34
N GLY B 147 -29.39 -6.06 2.82
CA GLY B 147 -29.50 -5.77 4.25
C GLY B 147 -28.26 -6.12 5.06
N ALA B 148 -27.08 -6.05 4.45
CA ALA B 148 -25.82 -6.32 5.13
C ALA B 148 -25.32 -5.03 5.78
N VAL B 149 -24.50 -5.13 6.83
CA VAL B 149 -23.95 -3.95 7.53
C VAL B 149 -22.43 -4.00 7.53
N PRO B 150 -21.73 -2.84 7.44
CA PRO B 150 -20.25 -2.87 7.46
C PRO B 150 -19.66 -3.50 8.71
N LEU B 151 -18.66 -4.37 8.51
CA LEU B 151 -17.92 -5.01 9.59
C LEU B 151 -16.59 -4.23 9.78
N ILE B 152 -15.61 -4.44 8.87
CA ILE B 152 -14.30 -3.81 8.86
C ILE B 152 -13.68 -4.04 7.49
N GLN B 153 -12.80 -3.12 7.04
CA GLN B 153 -12.02 -3.23 5.81
C GLN B 153 -12.75 -3.75 4.56
N GLY B 154 -13.90 -3.16 4.24
CA GLY B 154 -14.65 -3.55 3.05
C GLY B 154 -15.54 -4.78 3.17
N GLU B 155 -15.51 -5.44 4.33
CA GLU B 155 -16.34 -6.62 4.63
C GLU B 155 -17.62 -6.20 5.35
N TYR B 156 -18.68 -7.01 5.15
CA TYR B 156 -20.02 -6.77 5.67
C TYR B 156 -20.60 -8.05 6.26
N MET B 157 -21.50 -7.92 7.26
CA MET B 157 -22.18 -9.06 7.90
C MET B 157 -23.67 -8.96 7.61
N ILE B 158 -24.36 -10.10 7.55
CA ILE B 158 -25.81 -10.13 7.31
C ILE B 158 -26.44 -10.89 8.47
N PRO B 159 -27.54 -10.39 9.11
CA PRO B 159 -28.22 -11.20 10.13
C PRO B 159 -28.54 -12.60 9.58
N CYS B 160 -28.07 -13.64 10.26
CA CYS B 160 -28.23 -15.02 9.80
C CYS B 160 -29.69 -15.42 9.50
N GLU B 161 -30.65 -14.85 10.23
CA GLU B 161 -32.09 -15.13 10.06
C GLU B 161 -32.67 -14.60 8.72
N LYS B 162 -31.96 -13.66 8.07
CA LYS B 162 -32.37 -13.06 6.80
C LYS B 162 -31.85 -13.81 5.58
N VAL B 163 -30.78 -14.63 5.75
CA VAL B 163 -30.11 -15.30 4.63
C VAL B 163 -31.07 -16.09 3.71
N SER B 164 -31.92 -16.94 4.28
CA SER B 164 -32.89 -17.75 3.51
C SER B 164 -33.81 -16.94 2.56
N THR B 165 -34.10 -15.66 2.89
CA THR B 165 -34.98 -14.81 2.10
C THR B 165 -34.27 -13.80 1.17
N LEU B 166 -32.94 -13.83 1.12
CA LEU B 166 -32.17 -12.90 0.29
C LEU B 166 -32.32 -13.19 -1.24
N PRO B 167 -32.11 -12.17 -2.10
CA PRO B 167 -32.19 -12.43 -3.54
C PRO B 167 -30.93 -13.13 -4.05
N ALA B 168 -31.05 -13.91 -5.11
CA ALA B 168 -29.88 -14.52 -5.74
C ALA B 168 -29.15 -13.42 -6.51
N ILE B 169 -27.85 -13.59 -6.67
CA ILE B 169 -27.00 -12.64 -7.40
C ILE B 169 -26.47 -13.38 -8.58
N THR B 170 -26.68 -12.84 -9.81
CA THR B 170 -26.25 -13.47 -11.04
C THR B 170 -25.14 -12.68 -11.73
N LEU B 171 -24.06 -13.35 -12.07
CA LEU B 171 -22.98 -12.75 -12.84
C LEU B 171 -23.16 -13.20 -14.28
N LYS B 172 -23.17 -12.25 -15.22
CA LYS B 172 -23.33 -12.60 -16.64
C LYS B 172 -21.95 -12.62 -17.27
N LEU B 173 -21.52 -13.81 -17.72
CA LEU B 173 -20.22 -14.04 -18.35
C LEU B 173 -20.42 -14.84 -19.65
N GLY B 174 -19.90 -14.31 -20.75
CA GLY B 174 -20.04 -14.93 -22.08
C GLY B 174 -21.48 -15.12 -22.52
N GLY B 175 -22.34 -14.17 -22.16
CA GLY B 175 -23.77 -14.21 -22.46
C GLY B 175 -24.58 -15.19 -21.63
N LYS B 176 -23.96 -15.88 -20.65
CA LYS B 176 -24.66 -16.83 -19.78
C LYS B 176 -24.68 -16.32 -18.35
N GLY B 177 -25.72 -16.69 -17.63
CA GLY B 177 -25.90 -16.31 -16.23
C GLY B 177 -25.32 -17.34 -15.29
N TYR B 178 -24.53 -16.88 -14.32
CA TYR B 178 -23.93 -17.69 -13.26
C TYR B 178 -24.52 -17.21 -11.96
N LYS B 179 -25.52 -17.92 -11.52
CA LYS B 179 -26.26 -17.57 -10.31
C LYS B 179 -25.58 -18.05 -9.05
N LEU B 180 -25.62 -17.18 -8.06
CA LEU B 180 -25.16 -17.47 -6.72
C LEU B 180 -26.40 -17.29 -5.83
N SER B 181 -26.82 -18.36 -5.15
CA SER B 181 -27.95 -18.31 -4.24
C SER B 181 -27.42 -17.63 -2.95
N PRO B 182 -28.25 -17.18 -1.99
CA PRO B 182 -27.70 -16.59 -0.76
C PRO B 182 -26.80 -17.53 0.02
N GLU B 183 -27.08 -18.86 0.04
CA GLU B 183 -26.22 -19.85 0.70
C GLU B 183 -24.84 -19.84 0.00
N ASP B 184 -24.83 -19.65 -1.34
CA ASP B 184 -23.56 -19.63 -2.09
C ASP B 184 -22.74 -18.42 -1.80
N TYR B 185 -23.37 -17.23 -1.66
CA TYR B 185 -22.58 -16.02 -1.44
C TYR B 185 -22.44 -15.61 0.01
N THR B 186 -22.87 -16.42 0.99
CA THR B 186 -22.65 -16.03 2.39
C THR B 186 -21.78 -17.09 3.03
N LEU B 187 -21.02 -16.72 4.06
CA LEU B 187 -20.12 -17.63 4.77
C LEU B 187 -20.53 -17.65 6.23
N LYS B 188 -20.67 -18.85 6.80
CA LYS B 188 -21.00 -18.97 8.21
C LYS B 188 -19.69 -18.93 8.99
N VAL B 189 -19.52 -17.90 9.83
CA VAL B 189 -18.29 -17.72 10.62
C VAL B 189 -18.61 -17.91 12.10
N SER B 190 -17.73 -18.60 12.83
CA SER B 190 -17.97 -18.89 14.25
C SER B 190 -16.78 -18.53 15.12
N GLN B 191 -17.06 -17.82 16.23
CA GLN B 191 -16.04 -17.42 17.20
C GLN B 191 -16.63 -17.37 18.61
N ALA B 192 -15.91 -17.97 19.59
CA ALA B 192 -16.30 -18.02 21.00
C ALA B 192 -17.74 -18.49 21.23
N GLY B 193 -18.10 -19.60 20.56
CA GLY B 193 -19.41 -20.22 20.67
C GLY B 193 -20.58 -19.38 20.21
N LYS B 194 -20.36 -18.59 19.17
CA LYS B 194 -21.39 -17.75 18.57
C LYS B 194 -21.21 -17.83 17.08
N THR B 195 -22.25 -17.59 16.31
CA THR B 195 -22.10 -17.67 14.86
C THR B 195 -22.64 -16.42 14.19
N LEU B 196 -22.01 -16.05 13.09
CA LEU B 196 -22.35 -14.88 12.29
C LEU B 196 -22.27 -15.23 10.82
N CYS B 197 -22.98 -14.47 10.00
CA CYS B 197 -22.99 -14.72 8.56
C CYS B 197 -22.31 -13.58 7.83
N LEU B 198 -21.16 -13.88 7.24
CA LEU B 198 -20.37 -12.91 6.50
C LEU B 198 -20.85 -12.80 5.03
N SER B 199 -20.97 -11.57 4.50
CA SER B 199 -21.29 -11.38 3.09
C SER B 199 -20.05 -11.82 2.28
N GLY B 200 -20.30 -12.55 1.21
CA GLY B 200 -19.21 -13.07 0.36
C GLY B 200 -18.71 -12.03 -0.64
N PHE B 201 -19.24 -10.77 -0.57
CA PHE B 201 -18.81 -9.66 -1.39
C PHE B 201 -18.08 -8.63 -0.52
N MET B 202 -16.92 -8.23 -0.97
CA MET B 202 -16.07 -7.27 -0.30
C MET B 202 -15.87 -6.09 -1.25
N GLY B 203 -15.96 -4.89 -0.69
CA GLY B 203 -15.73 -3.67 -1.45
C GLY B 203 -14.28 -3.23 -1.36
N MET B 204 -13.61 -3.14 -2.50
CA MET B 204 -12.21 -2.69 -2.57
C MET B 204 -11.94 -2.22 -3.99
N ASP B 205 -11.45 -1.00 -4.14
CA ASP B 205 -11.11 -0.51 -5.46
C ASP B 205 -9.71 -0.98 -5.83
N ILE B 206 -9.55 -1.56 -7.02
CA ILE B 206 -8.25 -2.02 -7.50
C ILE B 206 -7.72 -0.81 -8.31
N PRO B 207 -6.61 -0.15 -7.92
CA PRO B 207 -6.19 1.04 -8.68
C PRO B 207 -5.65 0.73 -10.08
N PRO B 208 -5.71 1.71 -11.01
CA PRO B 208 -5.10 1.49 -12.32
C PRO B 208 -3.57 1.36 -12.15
N PRO B 209 -2.77 0.85 -13.13
CA PRO B 209 -3.19 0.39 -14.48
C PRO B 209 -3.97 -0.92 -14.48
N SER B 210 -3.77 -1.78 -13.46
CA SER B 210 -4.46 -3.08 -13.36
C SER B 210 -5.97 -2.96 -13.27
N GLY B 211 -6.45 -2.12 -12.34
CA GLY B 211 -7.87 -1.92 -12.14
C GLY B 211 -8.52 -0.86 -13.01
N PRO B 212 -9.84 -0.60 -12.82
CA PRO B 212 -10.76 -1.29 -11.90
C PRO B 212 -11.04 -2.73 -12.34
N LEU B 213 -11.18 -3.64 -11.37
CA LEU B 213 -11.44 -5.05 -11.62
C LEU B 213 -12.34 -5.61 -10.53
N TRP B 214 -13.27 -6.48 -10.94
CA TRP B 214 -14.00 -7.31 -9.99
C TRP B 214 -13.14 -8.56 -9.84
N ILE B 215 -13.23 -9.24 -8.70
CA ILE B 215 -12.49 -10.48 -8.48
C ILE B 215 -13.48 -11.59 -8.24
N LEU B 216 -13.41 -12.66 -9.07
CA LEU B 216 -14.25 -13.84 -8.88
C LEU B 216 -13.34 -14.78 -8.04
N GLY B 217 -13.52 -14.73 -6.73
CA GLY B 217 -12.73 -15.49 -5.77
C GLY B 217 -13.28 -16.88 -5.48
N ASP B 218 -12.85 -17.47 -4.33
CA ASP B 218 -13.24 -18.83 -3.94
C ASP B 218 -14.75 -19.03 -3.82
N VAL B 219 -15.47 -17.97 -3.47
CA VAL B 219 -16.95 -17.98 -3.38
C VAL B 219 -17.52 -18.42 -4.76
N PHE B 220 -16.99 -17.87 -5.87
CA PHE B 220 -17.50 -18.18 -7.19
C PHE B 220 -16.97 -19.52 -7.68
N ILE B 221 -15.64 -19.75 -7.55
CA ILE B 221 -14.97 -20.97 -8.03
C ILE B 221 -15.56 -22.22 -7.33
N GLY B 222 -15.94 -22.06 -6.08
CA GLY B 222 -16.56 -23.12 -5.30
C GLY B 222 -17.87 -23.58 -5.88
N ARG B 223 -18.66 -22.66 -6.45
CA ARG B 223 -19.94 -23.00 -7.07
C ARG B 223 -19.70 -23.42 -8.55
N TYR B 224 -18.69 -22.84 -9.19
CA TYR B 224 -18.40 -23.14 -10.59
C TYR B 224 -17.01 -23.67 -10.80
N TYR B 225 -16.92 -24.98 -11.07
CA TYR B 225 -15.66 -25.68 -11.39
C TYR B 225 -14.96 -24.86 -12.49
N THR B 226 -13.67 -24.57 -12.32
CA THR B 226 -12.95 -23.68 -13.21
C THR B 226 -11.77 -24.34 -13.89
N VAL B 227 -11.68 -24.15 -15.21
CA VAL B 227 -10.58 -24.63 -16.07
C VAL B 227 -9.79 -23.41 -16.56
N PHE B 228 -8.44 -23.43 -16.38
CA PHE B 228 -7.53 -22.36 -16.80
C PHE B 228 -6.73 -22.93 -17.97
N ASP B 229 -6.97 -22.41 -19.17
CA ASP B 229 -6.40 -22.95 -20.39
C ASP B 229 -5.33 -22.03 -20.99
N ARG B 230 -4.05 -22.41 -20.88
CA ARG B 230 -2.92 -21.63 -21.41
C ARG B 230 -2.70 -21.86 -22.91
N ASP B 231 -3.19 -23.00 -23.44
CA ASP B 231 -3.08 -23.32 -24.86
C ASP B 231 -3.96 -22.38 -25.69
N ASN B 232 -5.17 -22.08 -25.21
CA ASN B 232 -6.11 -21.23 -25.94
C ASN B 232 -6.41 -19.90 -25.26
N ASN B 233 -5.75 -19.61 -24.11
CA ASN B 233 -5.93 -18.36 -23.34
C ASN B 233 -7.40 -18.13 -23.04
N ARG B 234 -7.99 -19.10 -22.34
CA ARG B 234 -9.41 -19.03 -22.02
C ARG B 234 -9.66 -19.63 -20.66
N VAL B 235 -10.80 -19.28 -20.08
CA VAL B 235 -11.24 -19.79 -18.79
C VAL B 235 -12.56 -20.51 -19.04
N GLY B 236 -12.69 -21.72 -18.50
CA GLY B 236 -13.89 -22.52 -18.60
C GLY B 236 -14.58 -22.70 -17.27
N PHE B 237 -15.93 -22.66 -17.28
CA PHE B 237 -16.75 -22.86 -16.10
C PHE B 237 -17.81 -23.92 -16.33
N ALA B 238 -18.08 -24.69 -15.29
CA ALA B 238 -19.17 -25.66 -15.28
C ALA B 238 -19.72 -25.69 -13.85
N GLU B 239 -20.99 -26.06 -13.69
CA GLU B 239 -21.59 -26.22 -12.36
C GLU B 239 -20.80 -27.30 -11.57
N ALA B 240 -20.30 -26.96 -10.36
CA ALA B 240 -19.57 -27.92 -9.50
C ALA B 240 -20.51 -29.00 -8.98
N ALA B 241 -19.97 -30.23 -8.82
CA ALA B 241 -20.72 -31.38 -8.30
C ALA B 241 -21.01 -31.16 -6.80
N PRO C 7 -3.83 11.74 23.37
CA PRO C 7 -3.21 11.91 22.05
C PRO C 7 -3.94 11.15 20.94
N ILE C 8 -4.02 11.73 19.73
CA ILE C 8 -4.71 11.13 18.60
C ILE C 8 -3.74 10.64 17.54
N PRO C 9 -3.70 9.33 17.23
CA PRO C 9 -2.79 8.88 16.18
C PRO C 9 -3.43 9.02 14.80
N GLU C 10 -2.64 9.48 13.85
CA GLU C 10 -3.02 9.63 12.46
C GLU C 10 -2.03 8.84 11.64
N VAL C 11 -2.46 7.69 11.11
CA VAL C 11 -1.57 6.86 10.29
C VAL C 11 -1.25 7.59 8.99
N LEU C 12 -0.02 7.40 8.50
CA LEU C 12 0.40 8.01 7.24
C LEU C 12 0.79 6.94 6.28
N LYS C 13 0.66 7.24 4.98
CA LYS C 13 1.12 6.36 3.91
C LYS C 13 2.43 6.99 3.42
N ASN C 14 3.30 6.15 2.86
CA ASN C 14 4.58 6.60 2.35
C ASN C 14 4.66 6.24 0.88
N TYR C 15 4.76 7.26 0.03
CA TYR C 15 4.94 7.00 -1.38
C TYR C 15 6.36 7.36 -1.79
N MET C 16 7.17 6.33 -2.09
CA MET C 16 8.55 6.40 -2.60
C MET C 16 9.53 7.23 -1.72
N ASP C 17 9.30 7.29 -0.37
CA ASP C 17 10.14 8.08 0.55
C ASP C 17 10.11 9.56 0.19
N ALA C 18 9.09 9.98 -0.59
CA ALA C 18 8.97 11.36 -1.07
C ALA C 18 7.69 12.05 -0.62
N GLN C 19 6.57 11.30 -0.52
CA GLN C 19 5.31 11.89 -0.12
C GLN C 19 4.71 11.10 1.06
N TYR C 20 4.49 11.77 2.16
CA TYR C 20 3.92 11.20 3.37
C TYR C 20 2.58 11.89 3.57
N TYR C 21 1.50 11.11 3.58
CA TYR C 21 0.18 11.70 3.65
C TYR C 21 -0.80 10.83 4.41
N GLY C 22 -1.84 11.46 4.91
CA GLY C 22 -2.88 10.72 5.61
C GLY C 22 -4.26 11.24 5.27
N GLU C 23 -5.28 10.53 5.79
CA GLU C 23 -6.67 10.87 5.52
C GLU C 23 -7.29 11.79 6.54
N ILE C 24 -7.98 12.80 6.05
CA ILE C 24 -8.77 13.76 6.85
C ILE C 24 -10.19 13.81 6.32
N GLY C 25 -11.06 14.43 7.09
CA GLY C 25 -12.42 14.63 6.68
C GLY C 25 -12.73 16.11 6.72
N ILE C 26 -13.53 16.59 5.78
CA ILE C 26 -14.01 17.98 5.77
C ILE C 26 -15.50 17.90 5.54
N GLY C 27 -16.26 18.62 6.37
CA GLY C 27 -17.70 18.69 6.29
C GLY C 27 -18.47 17.81 7.25
N THR C 28 -19.81 17.94 7.21
CA THR C 28 -20.79 17.13 7.92
C THR C 28 -21.82 16.56 6.93
N PRO C 29 -21.87 15.24 6.67
CA PRO C 29 -20.91 14.20 7.11
C PRO C 29 -19.53 14.43 6.50
N PRO C 30 -18.45 13.85 7.07
CA PRO C 30 -17.12 14.13 6.52
C PRO C 30 -16.92 13.61 5.10
N GLN C 31 -16.29 14.45 4.26
CA GLN C 31 -15.88 14.11 2.91
C GLN C 31 -14.37 13.81 3.07
N CYS C 32 -13.91 12.62 2.66
CA CYS C 32 -12.51 12.24 2.88
C CYS C 32 -11.53 12.80 1.82
N PHE C 33 -10.32 13.16 2.29
CA PHE C 33 -9.20 13.68 1.47
C PHE C 33 -7.90 13.20 2.01
N THR C 34 -6.91 13.00 1.14
CA THR C 34 -5.57 12.68 1.62
C THR C 34 -4.79 14.00 1.58
N VAL C 35 -4.02 14.24 2.63
CA VAL C 35 -3.22 15.45 2.72
C VAL C 35 -1.82 15.17 3.24
N VAL C 36 -0.87 16.01 2.83
CA VAL C 36 0.46 16.02 3.41
C VAL C 36 0.32 16.93 4.65
N PHE C 37 0.65 16.41 5.84
CA PHE C 37 0.69 17.23 7.07
C PHE C 37 2.09 17.82 6.98
N ASP C 38 2.13 19.12 6.65
CA ASP C 38 3.31 19.86 6.22
C ASP C 38 3.73 20.92 7.20
N THR C 39 4.87 20.68 7.89
CA THR C 39 5.34 21.64 8.90
C THR C 39 6.06 22.85 8.26
N GLY C 40 6.14 22.87 6.93
CA GLY C 40 6.79 23.96 6.17
C GLY C 40 5.80 24.95 5.58
N SER C 41 4.50 24.78 5.88
CA SER C 41 3.46 25.72 5.41
C SER C 41 2.35 25.81 6.44
N SER C 42 1.41 26.76 6.28
CA SER C 42 0.39 26.98 7.33
C SER C 42 -1.05 26.95 6.87
N ASN C 43 -1.31 26.69 5.60
CA ASN C 43 -2.69 26.64 5.13
C ASN C 43 -3.14 25.24 4.83
N LEU C 44 -4.44 25.03 5.02
CA LEU C 44 -5.11 23.82 4.63
C LEU C 44 -5.85 24.14 3.34
N TRP C 45 -5.73 23.25 2.33
CA TRP C 45 -6.51 23.35 1.10
C TRP C 45 -6.74 21.95 0.52
N VAL C 46 -7.83 21.79 -0.21
CA VAL C 46 -8.21 20.58 -0.95
C VAL C 46 -8.81 21.00 -2.30
N PRO C 47 -8.88 20.12 -3.32
CA PRO C 47 -9.51 20.51 -4.59
C PRO C 47 -11.01 20.76 -4.43
N SER C 48 -11.53 21.71 -5.21
CA SER C 48 -12.96 22.04 -5.19
C SER C 48 -13.70 21.30 -6.30
N ILE C 49 -15.00 21.00 -6.06
CA ILE C 49 -15.86 20.44 -7.10
C ILE C 49 -16.00 21.54 -8.21
N HIS C 50 -15.74 22.82 -7.84
CA HIS C 50 -15.80 23.97 -8.74
C HIS C 50 -14.45 24.28 -9.43
N CYS C 51 -13.51 23.32 -9.42
CA CYS C 51 -12.22 23.52 -10.10
C CYS C 51 -12.47 23.75 -11.60
N LYS C 52 -11.60 24.55 -12.24
CA LYS C 52 -11.69 24.84 -13.67
C LYS C 52 -11.37 23.59 -14.47
N LEU C 53 -11.98 23.45 -15.67
CA LEU C 53 -11.76 22.32 -16.59
C LEU C 53 -10.27 22.18 -16.93
N LEU C 54 -9.54 23.32 -17.02
CA LEU C 54 -8.09 23.40 -17.31
C LEU C 54 -7.22 22.70 -16.25
N ASP C 55 -7.74 22.52 -15.04
CA ASP C 55 -7.04 21.89 -13.93
C ASP C 55 -7.08 20.36 -14.05
N ILE C 56 -6.10 19.78 -14.76
CA ILE C 56 -5.99 18.33 -14.95
C ILE C 56 -5.85 17.59 -13.61
N ALA C 57 -5.10 18.16 -12.62
CA ALA C 57 -4.91 17.50 -11.33
C ALA C 57 -6.25 17.17 -10.66
N CYS C 58 -7.21 18.09 -10.80
CA CYS C 58 -8.56 17.97 -10.26
C CYS C 58 -9.32 16.74 -10.78
N TRP C 59 -9.07 16.36 -12.02
CA TRP C 59 -9.75 15.23 -12.68
C TRP C 59 -9.56 13.94 -11.92
N ILE C 60 -8.38 13.78 -11.28
CA ILE C 60 -8.01 12.53 -10.65
C ILE C 60 -7.72 12.66 -9.14
N HIS C 61 -8.30 13.66 -8.50
CA HIS C 61 -8.18 13.86 -7.06
C HIS C 61 -9.56 14.06 -6.48
N HIS C 62 -9.74 13.81 -5.16
CA HIS C 62 -11.03 14.00 -4.49
C HIS C 62 -11.35 15.49 -4.43
N LYS C 63 -12.64 15.82 -4.60
CA LYS C 63 -13.12 17.20 -4.64
C LYS C 63 -14.14 17.46 -3.58
N TYR C 64 -13.98 18.60 -2.89
CA TYR C 64 -14.91 19.05 -1.84
C TYR C 64 -16.17 19.64 -2.46
N ASN C 65 -17.33 19.16 -2.01
CA ASN C 65 -18.63 19.65 -2.44
C ASN C 65 -19.34 20.31 -1.25
N SER C 66 -19.33 21.64 -1.22
CA SER C 66 -19.97 22.41 -0.15
C SER C 66 -21.47 22.13 0.03
N ASP C 67 -22.16 21.78 -1.08
CA ASP C 67 -23.62 21.52 -1.07
C ASP C 67 -24.03 20.33 -0.22
N LYS C 68 -23.11 19.38 0.02
CA LYS C 68 -23.34 18.16 0.80
C LYS C 68 -22.95 18.31 2.28
N SER C 69 -22.51 19.51 2.70
CA SER C 69 -22.13 19.73 4.09
C SER C 69 -23.07 20.67 4.82
N SER C 70 -23.66 20.20 5.93
CA SER C 70 -24.54 21.01 6.76
C SER C 70 -23.76 22.04 7.61
N THR C 71 -22.42 21.88 7.76
CA THR C 71 -21.59 22.81 8.56
C THR C 71 -20.72 23.74 7.66
N TYR C 72 -20.93 23.68 6.34
CA TYR C 72 -20.26 24.56 5.39
C TYR C 72 -20.72 26.00 5.64
N VAL C 73 -19.77 26.96 5.73
CA VAL C 73 -20.06 28.39 5.88
C VAL C 73 -19.30 29.06 4.73
N LYS C 74 -20.05 29.75 3.85
CA LYS C 74 -19.45 30.43 2.72
C LYS C 74 -18.47 31.53 3.16
N ASN C 75 -17.40 31.70 2.39
CA ASN C 75 -16.46 32.79 2.60
C ASN C 75 -16.26 33.45 1.21
N GLY C 76 -15.57 32.76 0.30
CA GLY C 76 -15.40 33.22 -1.06
C GLY C 76 -14.21 34.10 -1.38
N THR C 77 -13.43 34.51 -0.35
CA THR C 77 -12.22 35.35 -0.49
C THR C 77 -11.22 34.56 -1.34
N SER C 78 -10.55 35.22 -2.31
CA SER C 78 -9.55 34.55 -3.16
C SER C 78 -8.28 34.25 -2.39
N PHE C 79 -7.58 33.20 -2.79
CA PHE C 79 -6.28 32.88 -2.21
C PHE C 79 -5.34 32.43 -3.33
N ASP C 80 -4.04 32.59 -3.11
CA ASP C 80 -2.97 32.16 -4.00
C ASP C 80 -1.85 31.63 -3.12
N ILE C 81 -1.43 30.38 -3.33
CA ILE C 81 -0.36 29.80 -2.53
C ILE C 81 0.72 29.36 -3.50
N HIS C 82 1.96 29.67 -3.17
CA HIS C 82 3.14 29.28 -3.93
C HIS C 82 4.06 28.53 -2.97
N TYR C 83 4.61 27.43 -3.42
CA TYR C 83 5.59 26.64 -2.67
C TYR C 83 6.84 26.72 -3.54
N GLY C 84 7.95 26.16 -3.08
CA GLY C 84 9.16 26.13 -3.90
C GLY C 84 8.86 25.45 -5.23
N SER C 85 8.17 24.29 -5.17
CA SER C 85 7.78 23.40 -6.26
C SER C 85 6.83 24.01 -7.33
N GLY C 86 5.66 24.48 -6.90
CA GLY C 86 4.63 25.06 -7.76
C GLY C 86 3.61 25.92 -7.02
N SER C 87 2.50 26.26 -7.69
CA SER C 87 1.46 27.13 -7.14
C SER C 87 0.03 26.66 -7.36
N LEU C 88 -0.92 27.31 -6.70
CA LEU C 88 -2.34 27.02 -6.83
C LEU C 88 -3.16 28.22 -6.34
N SER C 89 -4.42 28.26 -6.75
CA SER C 89 -5.34 29.33 -6.35
C SER C 89 -6.77 28.81 -6.26
N GLY C 90 -7.61 29.59 -5.60
CA GLY C 90 -9.01 29.24 -5.40
C GLY C 90 -9.67 30.23 -4.49
N TYR C 91 -10.61 29.75 -3.67
CA TYR C 91 -11.32 30.63 -2.74
C TYR C 91 -11.46 29.98 -1.37
N LEU C 92 -11.72 30.79 -0.35
CA LEU C 92 -11.84 30.27 1.02
C LEU C 92 -13.24 29.82 1.33
N SER C 93 -13.32 28.82 2.20
CA SER C 93 -14.58 28.29 2.72
C SER C 93 -14.33 27.93 4.18
N GLN C 94 -15.37 27.63 4.94
CA GLN C 94 -15.24 27.26 6.35
C GLN C 94 -16.06 26.01 6.60
N ASP C 95 -15.50 25.04 7.32
CA ASP C 95 -16.18 23.81 7.69
C ASP C 95 -15.47 23.09 8.84
N THR C 96 -16.03 21.96 9.29
CA THR C 96 -15.43 21.10 10.31
C THR C 96 -14.35 20.20 9.67
N VAL C 97 -13.17 20.11 10.29
CA VAL C 97 -12.07 19.25 9.82
C VAL C 97 -11.91 18.11 10.79
N SER C 98 -12.05 16.89 10.27
CA SER C 98 -11.93 15.67 11.09
C SER C 98 -10.58 15.04 10.87
N VAL C 99 -9.92 14.61 11.95
CA VAL C 99 -8.64 13.89 11.86
C VAL C 99 -8.74 12.68 12.80
N PRO C 100 -8.77 11.41 12.29
CA PRO C 100 -8.83 10.94 10.90
C PRO C 100 -10.19 11.29 10.25
N CYS C 101 -10.50 10.80 9.04
CA CYS C 101 -11.75 11.19 8.36
C CYS C 101 -13.04 10.94 9.18
N GLN C 102 -13.12 9.80 9.90
CA GLN C 102 -14.25 9.44 10.75
C GLN C 102 -15.59 9.35 9.96
N SER C 103 -15.53 8.94 8.66
CA SER C 103 -16.73 8.80 7.82
C SER C 103 -17.58 7.56 8.23
N GLY D 1 -10.11 6.57 18.15
CA GLY D 1 -10.83 7.84 18.16
C GLY D 1 -10.28 8.90 17.22
N GLY D 2 -10.70 10.13 17.41
CA GLY D 2 -10.21 11.21 16.57
C GLY D 2 -10.53 12.59 17.09
N VAL D 3 -10.26 13.59 16.27
CA VAL D 3 -10.52 14.97 16.61
C VAL D 3 -11.45 15.62 15.55
N LYS D 4 -12.31 16.57 15.98
CA LYS D 4 -13.15 17.35 15.06
C LYS D 4 -12.89 18.82 15.37
N VAL D 5 -12.17 19.50 14.48
CA VAL D 5 -11.82 20.90 14.62
C VAL D 5 -12.93 21.72 13.96
N GLU D 6 -13.74 22.40 14.77
CA GLU D 6 -14.85 23.17 14.24
C GLU D 6 -14.44 24.51 13.64
N ARG D 7 -15.29 25.00 12.72
CA ARG D 7 -15.17 26.32 12.09
C ARG D 7 -13.76 26.60 11.57
N GLN D 8 -13.18 25.63 10.85
CA GLN D 8 -11.87 25.80 10.27
C GLN D 8 -11.95 26.47 8.90
N VAL D 9 -11.14 27.54 8.69
CA VAL D 9 -11.10 28.19 7.37
C VAL D 9 -10.02 27.45 6.55
N PHE D 10 -10.37 27.11 5.31
CA PHE D 10 -9.48 26.36 4.41
C PHE D 10 -9.72 26.81 2.97
N GLY D 11 -8.80 26.45 2.09
CA GLY D 11 -8.94 26.80 0.68
C GLY D 11 -9.56 25.73 -0.19
N GLU D 12 -10.50 26.15 -1.07
CA GLU D 12 -11.10 25.30 -2.09
C GLU D 12 -10.28 25.59 -3.36
N ALA D 13 -9.34 24.70 -3.75
CA ALA D 13 -8.49 24.92 -4.94
C ALA D 13 -9.28 24.80 -6.28
N THR D 14 -9.20 25.82 -7.12
CA THR D 14 -9.88 25.82 -8.42
C THR D 14 -8.91 25.82 -9.58
N LYS D 15 -7.67 26.28 -9.35
CA LYS D 15 -6.58 26.31 -10.35
C LYS D 15 -5.29 25.75 -9.78
N GLN D 16 -4.64 24.83 -10.52
CA GLN D 16 -3.39 24.22 -10.14
C GLN D 16 -2.53 24.18 -11.41
N PRO D 17 -1.82 25.30 -11.71
CA PRO D 17 -1.05 25.36 -12.97
C PRO D 17 0.15 24.43 -13.01
N GLY D 18 0.46 23.91 -14.20
CA GLY D 18 1.59 23.03 -14.39
C GLY D 18 1.25 21.59 -14.06
N ILE D 19 2.28 20.77 -13.85
CA ILE D 19 2.09 19.33 -13.61
C ILE D 19 2.25 18.91 -12.17
N THR D 20 2.73 19.83 -11.30
CA THR D 20 3.05 19.62 -9.88
C THR D 20 2.10 18.67 -9.15
N PHE D 21 0.81 18.97 -9.18
CA PHE D 21 -0.17 18.22 -8.42
C PHE D 21 -0.81 17.06 -9.17
N ILE D 22 -0.50 16.92 -10.47
CA ILE D 22 -1.12 15.85 -11.26
C ILE D 22 -0.73 14.45 -10.75
N ALA D 23 0.57 14.15 -10.66
CA ALA D 23 1.04 12.81 -10.27
C ALA D 23 0.92 12.54 -8.76
N ALA D 24 0.94 13.61 -7.91
CA ALA D 24 0.90 13.52 -6.44
C ALA D 24 -0.11 12.52 -5.95
N LYS D 25 0.29 11.69 -4.98
CA LYS D 25 -0.63 10.69 -4.45
C LYS D 25 -1.73 11.36 -3.59
N PHE D 26 -1.42 12.52 -3.01
CA PHE D 26 -2.31 13.25 -2.12
C PHE D 26 -3.25 14.22 -2.83
N ASP D 27 -4.37 14.57 -2.16
CA ASP D 27 -5.33 15.54 -2.68
C ASP D 27 -4.96 16.98 -2.30
N GLY D 28 -4.52 17.18 -1.05
CA GLY D 28 -4.21 18.52 -0.57
C GLY D 28 -3.08 18.62 0.41
N ILE D 29 -2.95 19.79 1.03
CA ILE D 29 -1.90 20.08 2.01
C ILE D 29 -2.59 20.58 3.26
N LEU D 30 -2.13 20.10 4.42
CA LEU D 30 -2.60 20.63 5.69
C LEU D 30 -1.37 21.22 6.39
N GLY D 31 -1.21 22.52 6.28
CA GLY D 31 -0.07 23.21 6.88
C GLY D 31 -0.06 23.19 8.39
N MET D 32 1.11 22.95 8.96
CA MET D 32 1.30 22.84 10.42
C MET D 32 2.40 23.76 10.97
N ALA D 33 2.78 24.81 10.22
CA ALA D 33 3.76 25.78 10.70
C ALA D 33 3.01 26.87 11.50
N TYR D 34 3.67 27.99 11.83
CA TYR D 34 3.08 29.04 12.63
C TYR D 34 2.12 29.97 11.84
N PRO D 35 1.16 30.64 12.53
CA PRO D 35 0.25 31.56 11.82
C PRO D 35 0.93 32.66 10.99
N ARG D 36 2.15 33.09 11.37
CA ARG D 36 2.91 34.13 10.65
C ARG D 36 3.01 33.92 9.11
N ILE D 37 3.18 32.66 8.66
CA ILE D 37 3.32 32.42 7.23
C ILE D 37 2.01 31.94 6.57
N SER D 38 0.88 32.06 7.28
CA SER D 38 -0.41 31.64 6.72
C SER D 38 -0.88 32.67 5.70
N VAL D 39 -1.14 32.20 4.47
CA VAL D 39 -1.67 33.03 3.39
C VAL D 39 -3.07 33.51 3.82
N ASN D 40 -3.34 34.82 3.65
CA ASN D 40 -4.58 35.51 4.04
C ASN D 40 -4.76 35.56 5.57
N ASN D 41 -3.66 35.30 6.32
CA ASN D 41 -3.65 35.26 7.78
C ASN D 41 -4.75 34.35 8.36
N VAL D 42 -5.00 33.21 7.69
CA VAL D 42 -6.01 32.22 8.11
C VAL D 42 -5.49 31.49 9.37
N LEU D 43 -6.33 31.32 10.40
CA LEU D 43 -5.94 30.57 11.60
C LEU D 43 -5.70 29.10 11.19
N PRO D 44 -4.47 28.57 11.34
CA PRO D 44 -4.19 27.18 10.93
C PRO D 44 -4.91 26.14 11.77
N VAL D 45 -5.08 24.93 11.20
CA VAL D 45 -5.76 23.81 11.86
C VAL D 45 -5.27 23.58 13.30
N PHE D 46 -3.95 23.42 13.51
CA PHE D 46 -3.44 23.12 14.86
C PHE D 46 -3.68 24.26 15.81
N ASP D 47 -3.62 25.52 15.33
CA ASP D 47 -3.91 26.69 16.15
C ASP D 47 -5.36 26.68 16.59
N ASN D 48 -6.28 26.29 15.67
CA ASN D 48 -7.71 26.20 15.93
C ASN D 48 -7.99 25.06 16.89
N LEU D 49 -7.31 23.92 16.65
CA LEU D 49 -7.39 22.73 17.52
C LEU D 49 -6.99 23.12 18.97
N MET D 50 -5.87 23.88 19.15
CA MET D 50 -5.41 24.37 20.47
C MET D 50 -6.41 25.30 21.15
N GLN D 51 -6.91 26.30 20.40
CA GLN D 51 -7.90 27.29 20.86
C GLN D 51 -9.19 26.58 21.35
N GLN D 52 -9.53 25.48 20.71
CA GLN D 52 -10.69 24.67 21.04
C GLN D 52 -10.36 23.62 22.12
N LYS D 53 -9.10 23.61 22.64
CA LYS D 53 -8.62 22.72 23.72
C LYS D 53 -8.96 21.24 23.45
N LEU D 54 -8.72 20.80 22.20
CA LEU D 54 -9.06 19.44 21.80
C LEU D 54 -8.00 18.40 22.18
N VAL D 55 -6.83 18.87 22.64
CA VAL D 55 -5.75 18.04 23.16
C VAL D 55 -5.24 18.63 24.47
N ASP D 56 -4.66 17.77 25.32
CA ASP D 56 -4.09 18.23 26.59
C ASP D 56 -2.71 18.84 26.41
N GLN D 57 -1.84 18.27 25.56
CA GLN D 57 -0.48 18.79 25.31
C GLN D 57 -0.44 19.38 23.89
N ASN D 58 -0.10 20.66 23.77
CA ASN D 58 -0.08 21.34 22.47
C ASN D 58 1.19 20.99 21.70
N ILE D 59 1.34 19.71 21.38
CA ILE D 59 2.49 19.19 20.66
C ILE D 59 2.00 18.22 19.61
N PHE D 60 2.81 17.93 18.60
CA PHE D 60 2.48 16.93 17.61
C PHE D 60 3.78 16.34 17.15
N SER D 61 3.78 15.05 16.79
CA SER D 61 5.00 14.34 16.47
C SER D 61 4.90 13.51 15.23
N PHE D 62 6.02 13.33 14.54
CA PHE D 62 6.09 12.53 13.33
C PHE D 62 7.12 11.41 13.40
N TYR D 63 6.65 10.25 12.98
CA TYR D 63 7.45 9.09 12.68
C TYR D 63 7.28 8.98 11.16
N LEU D 64 8.36 8.88 10.40
CA LEU D 64 8.31 8.65 8.95
C LEU D 64 9.13 7.42 8.61
N SER D 65 8.51 6.42 8.01
CA SER D 65 9.25 5.22 7.63
C SER D 65 10.15 5.51 6.42
N ARG D 66 11.36 4.92 6.40
CA ARG D 66 12.30 5.14 5.30
C ARG D 66 12.36 3.93 4.36
N ASP D 67 11.57 2.92 4.67
CA ASP D 67 11.39 1.75 3.83
C ASP D 67 9.98 1.91 3.24
N PRO D 68 9.84 2.12 1.89
CA PRO D 68 8.48 2.26 1.32
C PRO D 68 7.57 1.05 1.45
N ASP D 69 8.14 -0.15 1.71
CA ASP D 69 7.35 -1.37 1.89
C ASP D 69 6.67 -1.48 3.26
N ALA D 70 7.26 -0.85 4.30
CA ALA D 70 6.83 -0.88 5.70
C ALA D 70 5.38 -0.43 5.96
N GLN D 71 4.77 -1.03 7.01
CA GLN D 71 3.42 -0.78 7.49
C GLN D 71 3.51 -0.40 8.98
N PRO D 72 3.17 0.85 9.36
CA PRO D 72 2.66 1.93 8.50
C PRO D 72 3.79 2.70 7.81
N GLY D 73 3.41 3.55 6.85
CA GLY D 73 4.36 4.39 6.15
C GLY D 73 4.83 5.53 7.05
N GLY D 74 4.09 5.77 8.11
CA GLY D 74 4.40 6.83 9.06
C GLY D 74 3.28 7.04 10.04
N GLU D 75 3.52 7.93 11.01
CA GLU D 75 2.51 8.28 11.99
C GLU D 75 2.65 9.68 12.52
N LEU D 76 1.55 10.45 12.45
CA LEU D 76 1.48 11.75 13.07
C LEU D 76 0.71 11.56 14.37
N MET D 77 1.27 12.02 15.49
CA MET D 77 0.57 11.91 16.77
C MET D 77 0.16 13.32 17.15
N LEU D 78 -1.16 13.57 17.24
CA LEU D 78 -1.66 14.87 17.66
C LEU D 78 -1.81 14.89 19.18
N GLY D 79 -1.15 15.86 19.82
CA GLY D 79 -1.20 16.04 21.27
C GLY D 79 -0.34 15.09 22.08
N GLY D 80 0.70 14.56 21.47
CA GLY D 80 1.54 13.63 22.20
C GLY D 80 2.71 13.14 21.38
N THR D 81 3.44 12.17 21.93
CA THR D 81 4.56 11.51 21.23
C THR D 81 4.22 10.00 21.29
N ASP D 82 4.88 9.18 20.48
CA ASP D 82 4.61 7.75 20.49
C ASP D 82 5.95 7.04 20.66
N SER D 83 6.27 6.59 21.90
CA SER D 83 7.52 5.91 22.28
C SER D 83 7.78 4.65 21.48
N LYS D 84 6.74 4.07 20.86
CA LYS D 84 6.96 2.86 20.04
C LYS D 84 7.80 3.17 18.79
N TYR D 85 7.84 4.46 18.38
CA TYR D 85 8.57 4.83 17.17
C TYR D 85 9.88 5.58 17.43
N TYR D 86 10.34 5.66 18.69
CA TYR D 86 11.65 6.24 18.97
C TYR D 86 12.32 5.52 20.13
N LYS D 87 13.63 5.67 20.23
CA LYS D 87 14.48 5.05 21.24
C LYS D 87 15.19 6.17 21.97
N GLY D 88 15.51 5.94 23.21
CA GLY D 88 16.24 6.93 23.99
C GLY D 88 15.43 8.15 24.35
N SER D 89 16.10 9.24 24.69
CA SER D 89 15.37 10.43 25.15
C SER D 89 15.32 11.50 24.07
N LEU D 90 14.31 12.35 24.15
CA LEU D 90 14.17 13.48 23.24
C LEU D 90 15.19 14.58 23.65
N SER D 91 15.87 15.19 22.68
CA SER D 91 16.74 16.35 22.83
C SER D 91 16.04 17.51 22.16
N TYR D 92 15.90 18.64 22.85
CA TYR D 92 15.16 19.81 22.41
C TYR D 92 16.00 20.98 21.95
N LEU D 93 15.50 21.72 20.95
CA LEU D 93 16.11 22.92 20.41
C LEU D 93 15.08 24.02 20.45
N ASN D 94 15.48 25.24 20.79
CA ASN D 94 14.52 26.34 20.78
C ASN D 94 14.22 26.79 19.38
N VAL D 95 12.95 27.11 19.12
CA VAL D 95 12.53 27.70 17.85
C VAL D 95 13.12 29.13 17.88
N THR D 96 13.88 29.50 16.84
CA THR D 96 14.58 30.81 16.76
C THR D 96 13.75 31.89 16.08
N ARG D 97 12.79 31.50 15.21
CA ARG D 97 11.85 32.41 14.55
C ARG D 97 10.53 31.66 14.36
N LYS D 98 9.45 32.18 14.95
CA LYS D 98 8.17 31.49 14.88
C LYS D 98 7.40 31.73 13.60
N ALA D 99 7.82 31.11 12.49
CA ALA D 99 7.17 31.32 11.17
C ALA D 99 7.18 29.91 10.57
N TYR D 100 8.35 29.41 10.15
CA TYR D 100 8.54 28.00 9.86
C TYR D 100 8.95 27.40 11.23
N TRP D 101 9.19 26.06 11.34
CA TRP D 101 9.73 25.52 12.56
C TRP D 101 11.23 25.65 12.43
N GLN D 102 11.75 26.85 12.74
CA GLN D 102 13.15 27.21 12.54
C GLN D 102 13.98 27.05 13.81
N VAL D 103 15.16 26.46 13.66
CA VAL D 103 16.12 26.17 14.73
C VAL D 103 17.52 26.59 14.27
N HIS D 104 18.47 26.67 15.21
CA HIS D 104 19.83 27.02 14.88
C HIS D 104 20.63 25.76 14.57
N LEU D 105 21.30 25.75 13.44
CA LEU D 105 22.15 24.63 12.98
C LEU D 105 23.61 25.06 13.25
N ASP D 106 24.31 24.33 14.13
CA ASP D 106 25.69 24.64 14.56
C ASP D 106 26.68 24.47 13.44
N GLN D 107 26.58 23.36 12.69
CA GLN D 107 27.42 23.04 11.54
C GLN D 107 27.02 21.74 10.86
N VAL D 108 27.58 21.51 9.67
CA VAL D 108 27.35 20.28 8.88
C VAL D 108 28.74 19.70 8.65
N GLU D 109 28.99 18.46 9.12
CA GLU D 109 30.29 17.80 8.96
C GLU D 109 30.24 16.59 8.08
N VAL D 110 31.12 16.54 7.09
CA VAL D 110 31.27 15.36 6.25
C VAL D 110 32.44 14.57 6.90
N ALA D 111 32.26 13.25 7.17
CA ALA D 111 33.27 12.40 7.83
C ALA D 111 34.66 12.50 7.22
N SER D 112 34.73 12.66 5.88
CA SER D 112 35.99 12.80 5.12
C SER D 112 36.73 14.14 5.35
N GLY D 113 36.10 15.10 6.04
CA GLY D 113 36.76 16.35 6.41
C GLY D 113 36.03 17.66 6.18
N LEU D 114 35.26 17.74 5.09
CA LEU D 114 34.54 18.96 4.72
C LEU D 114 33.58 19.43 5.81
N THR D 115 33.61 20.75 6.10
CA THR D 115 32.70 21.38 7.07
C THR D 115 31.92 22.47 6.34
N LEU D 116 30.61 22.44 6.47
CA LEU D 116 29.71 23.43 5.87
C LEU D 116 28.99 24.10 7.02
N CYS D 117 28.35 25.27 6.80
CA CYS D 117 27.66 26.00 7.88
C CYS D 117 28.69 26.12 9.06
N LYS D 118 29.93 26.48 8.71
CA LYS D 118 31.09 26.50 9.61
C LYS D 118 30.89 27.28 10.89
N GLU D 119 30.27 28.46 10.78
CA GLU D 119 30.03 29.32 11.92
C GLU D 119 28.57 29.33 12.40
N GLY D 120 27.80 28.31 12.03
CA GLY D 120 26.39 28.25 12.42
C GLY D 120 25.50 28.92 11.38
N CYS D 121 24.27 28.44 11.29
CA CYS D 121 23.31 28.94 10.31
C CYS D 121 21.89 28.61 10.80
N GLU D 122 20.88 29.01 9.99
CA GLU D 122 19.47 28.78 10.33
C GLU D 122 18.93 27.62 9.51
N ALA D 123 18.07 26.80 10.12
CA ALA D 123 17.48 25.64 9.46
C ALA D 123 16.03 25.48 9.86
N ILE D 124 15.24 24.86 8.98
CA ILE D 124 13.82 24.60 9.28
C ILE D 124 13.59 23.10 9.25
N VAL D 125 12.61 22.64 10.04
CA VAL D 125 12.27 21.23 10.13
C VAL D 125 10.95 21.09 9.38
N ASP D 126 11.04 20.51 8.16
CA ASP D 126 9.93 20.47 7.22
C ASP D 126 9.53 19.09 6.73
N THR D 127 8.36 18.58 7.20
CA THR D 127 7.83 17.28 6.77
C THR D 127 7.39 17.30 5.31
N GLY D 128 7.12 18.50 4.78
CA GLY D 128 6.67 18.67 3.40
C GLY D 128 7.77 18.80 2.36
N THR D 129 9.04 18.76 2.78
CA THR D 129 10.21 18.78 1.86
C THR D 129 10.79 17.37 1.89
N SER D 130 10.88 16.70 0.73
CA SER D 130 11.35 15.30 0.66
C SER D 130 12.83 15.19 1.03
N LEU D 131 13.67 16.09 0.51
CA LEU D 131 15.11 16.02 0.68
C LEU D 131 15.67 16.99 1.72
N MET D 132 16.98 16.90 1.99
CA MET D 132 17.71 17.90 2.76
C MET D 132 17.97 18.99 1.72
N VAL D 133 17.83 20.25 2.12
CA VAL D 133 18.10 21.36 1.20
C VAL D 133 19.16 22.24 1.87
N GLY D 134 20.13 22.67 1.09
CA GLY D 134 21.13 23.60 1.58
C GLY D 134 21.51 24.61 0.50
N PRO D 135 22.26 25.68 0.86
CA PRO D 135 22.68 26.67 -0.16
C PRO D 135 23.39 26.03 -1.34
N VAL D 136 23.14 26.56 -2.52
CA VAL D 136 23.71 26.01 -3.76
C VAL D 136 25.22 25.79 -3.67
N ASP D 137 26.00 26.82 -3.26
CA ASP D 137 27.47 26.70 -3.26
C ASP D 137 27.96 25.61 -2.25
N GLU D 138 27.38 25.58 -1.06
CA GLU D 138 27.74 24.59 -0.05
C GLU D 138 27.36 23.18 -0.44
N VAL D 139 26.12 23.01 -0.99
CA VAL D 139 25.69 21.67 -1.47
C VAL D 139 26.58 21.23 -2.63
N ARG D 140 26.91 22.14 -3.55
CA ARG D 140 27.80 21.79 -4.65
C ARG D 140 29.14 21.18 -4.10
N GLU D 141 29.69 21.76 -3.04
CA GLU D 141 30.94 21.34 -2.39
C GLU D 141 30.73 19.97 -1.68
N LEU D 142 29.59 19.77 -1.03
CA LEU D 142 29.22 18.48 -0.41
C LEU D 142 29.13 17.37 -1.46
N GLN D 143 28.48 17.66 -2.61
CA GLN D 143 28.30 16.68 -3.70
C GLN D 143 29.59 16.28 -4.34
N LYS D 144 30.56 17.22 -4.40
CA LYS D 144 31.90 16.94 -4.93
C LYS D 144 32.64 15.99 -3.97
N ALA D 145 32.46 16.18 -2.65
CA ALA D 145 33.10 15.35 -1.61
C ALA D 145 32.61 13.90 -1.60
N ILE D 146 31.34 13.67 -2.02
CA ILE D 146 30.76 12.32 -2.05
C ILE D 146 30.75 11.70 -3.47
N GLY D 147 31.28 12.42 -4.46
CA GLY D 147 31.31 11.93 -5.84
C GLY D 147 29.97 11.87 -6.54
N ALA D 148 29.03 12.77 -6.16
CA ALA D 148 27.73 12.83 -6.80
C ALA D 148 27.84 13.76 -8.03
N VAL D 149 26.95 13.59 -9.02
CA VAL D 149 26.96 14.41 -10.25
C VAL D 149 25.63 15.11 -10.41
N PRO D 150 25.60 16.35 -10.98
CA PRO D 150 24.30 17.04 -11.15
C PRO D 150 23.33 16.29 -12.04
N LEU D 151 22.07 16.21 -11.61
CA LEU D 151 20.98 15.60 -12.36
C LEU D 151 20.21 16.74 -13.05
N ILE D 152 19.36 17.47 -12.31
CA ILE D 152 18.54 18.59 -12.76
C ILE D 152 18.05 19.34 -11.53
N GLN D 153 17.77 20.65 -11.69
CA GLN D 153 17.13 21.49 -10.66
C GLN D 153 17.65 21.32 -9.21
N GLY D 154 18.98 21.34 -9.04
CA GLY D 154 19.60 21.25 -7.73
C GLY D 154 19.78 19.86 -7.16
N GLU D 155 19.30 18.85 -7.88
CA GLU D 155 19.41 17.43 -7.49
C GLU D 155 20.64 16.80 -8.13
N TYR D 156 21.18 15.77 -7.45
CA TYR D 156 22.41 15.06 -7.83
C TYR D 156 22.20 13.55 -7.71
N MET D 157 22.93 12.77 -8.52
CA MET D 157 22.90 11.30 -8.49
C MET D 157 24.27 10.79 -8.07
N ILE D 158 24.33 9.63 -7.42
CA ILE D 158 25.60 9.02 -7.01
C ILE D 158 25.64 7.62 -7.61
N PRO D 159 26.76 7.18 -8.26
CA PRO D 159 26.83 5.78 -8.74
C PRO D 159 26.50 4.83 -7.58
N CYS D 160 25.49 3.96 -7.74
CA CYS D 160 25.02 3.06 -6.69
C CYS D 160 26.13 2.21 -6.04
N GLU D 161 27.15 1.84 -6.80
CA GLU D 161 28.28 1.01 -6.33
C GLU D 161 29.20 1.75 -5.35
N LYS D 162 29.14 3.09 -5.32
CA LYS D 162 29.96 3.93 -4.44
C LYS D 162 29.32 4.19 -3.07
N VAL D 163 28.02 3.98 -2.93
CA VAL D 163 27.22 4.27 -1.71
C VAL D 163 27.86 3.67 -0.44
N SER D 164 28.21 2.36 -0.45
CA SER D 164 28.85 1.66 0.69
C SER D 164 30.17 2.29 1.21
N THR D 165 30.91 3.02 0.34
CA THR D 165 32.19 3.65 0.72
C THR D 165 32.10 5.16 1.02
N LEU D 166 30.87 5.72 0.99
CA LEU D 166 30.67 7.15 1.25
C LEU D 166 30.85 7.55 2.73
N PRO D 167 31.22 8.80 3.02
CA PRO D 167 31.37 9.20 4.42
C PRO D 167 30.02 9.50 5.06
N ALA D 168 29.96 9.43 6.39
CA ALA D 168 28.75 9.88 7.10
C ALA D 168 28.71 11.40 7.09
N ILE D 169 27.50 11.94 7.14
CA ILE D 169 27.27 13.39 7.20
C ILE D 169 26.56 13.67 8.51
N THR D 170 27.16 14.53 9.38
CA THR D 170 26.64 14.84 10.70
C THR D 170 26.16 16.27 10.78
N LEU D 171 24.94 16.44 11.26
CA LEU D 171 24.40 17.77 11.51
C LEU D 171 24.54 18.02 13.02
N LYS D 172 25.12 19.17 13.41
CA LYS D 172 25.28 19.48 14.83
C LYS D 172 24.17 20.43 15.22
N LEU D 173 23.27 19.96 16.11
CA LEU D 173 22.12 20.74 16.60
C LEU D 173 22.08 20.64 18.13
N GLY D 174 22.00 21.79 18.81
CA GLY D 174 21.97 21.87 20.26
C GLY D 174 23.19 21.25 20.93
N GLY D 175 24.36 21.37 20.30
CA GLY D 175 25.59 20.79 20.80
C GLY D 175 25.74 19.28 20.60
N LYS D 176 24.74 18.62 19.97
CA LYS D 176 24.78 17.18 19.72
C LYS D 176 24.87 16.88 18.24
N GLY D 177 25.50 15.75 17.91
CA GLY D 177 25.62 15.30 16.53
C GLY D 177 24.50 14.38 16.12
N TYR D 178 23.93 14.65 14.93
CA TYR D 178 22.88 13.86 14.30
C TYR D 178 23.45 13.34 13.01
N LYS D 179 23.91 12.11 13.08
CA LYS D 179 24.54 11.47 11.94
C LYS D 179 23.52 10.89 10.93
N LEU D 180 23.84 11.06 9.67
CA LEU D 180 23.11 10.47 8.53
C LEU D 180 24.12 9.58 7.82
N SER D 181 23.84 8.24 7.78
CA SER D 181 24.75 7.30 7.08
C SER D 181 24.51 7.46 5.57
N PRO D 182 25.38 6.94 4.67
CA PRO D 182 25.09 7.03 3.23
C PRO D 182 23.73 6.42 2.90
N GLU D 183 23.33 5.35 3.64
CA GLU D 183 22.02 4.70 3.44
C GLU D 183 20.88 5.65 3.83
N ASP D 184 21.07 6.46 4.89
CA ASP D 184 20.08 7.46 5.30
C ASP D 184 19.96 8.60 4.32
N TYR D 185 21.08 9.05 3.71
CA TYR D 185 21.00 10.22 2.84
C TYR D 185 20.96 9.89 1.34
N THR D 186 20.76 8.64 0.96
CA THR D 186 20.60 8.35 -0.45
C THR D 186 19.23 7.69 -0.63
N LEU D 187 18.64 7.86 -1.81
CA LEU D 187 17.34 7.32 -2.15
C LEU D 187 17.49 6.44 -3.37
N LYS D 188 16.98 5.21 -3.32
CA LYS D 188 17.03 4.32 -4.47
C LYS D 188 15.82 4.61 -5.34
N VAL D 189 16.04 5.10 -6.56
CA VAL D 189 14.99 5.45 -7.51
C VAL D 189 15.00 4.49 -8.69
N SER D 190 13.81 4.05 -9.13
CA SER D 190 13.70 3.16 -10.27
C SER D 190 12.70 3.70 -11.28
N GLN D 191 13.21 4.01 -12.49
CA GLN D 191 12.39 4.51 -13.59
C GLN D 191 12.59 3.60 -14.82
N ALA D 192 11.48 3.10 -15.39
CA ALA D 192 11.46 2.15 -16.52
C ALA D 192 12.37 0.92 -16.25
N GLY D 193 12.22 0.36 -15.04
CA GLY D 193 12.97 -0.80 -14.57
C GLY D 193 14.47 -0.62 -14.49
N LYS D 194 14.91 0.60 -14.09
CA LYS D 194 16.35 0.94 -13.96
C LYS D 194 16.61 1.54 -12.60
N THR D 195 17.62 1.01 -11.87
CA THR D 195 17.96 1.46 -10.51
C THR D 195 19.08 2.53 -10.44
N LEU D 196 18.73 3.74 -9.96
CA LEU D 196 19.68 4.83 -9.73
C LEU D 196 19.62 5.28 -8.29
N CYS D 197 20.70 5.90 -7.81
CA CYS D 197 20.76 6.35 -6.43
C CYS D 197 20.82 7.87 -6.40
N LEU D 198 19.75 8.47 -5.89
CA LEU D 198 19.63 9.92 -5.78
C LEU D 198 20.28 10.43 -4.47
N SER D 199 21.04 11.52 -4.56
CA SER D 199 21.58 12.15 -3.36
C SER D 199 20.42 12.80 -2.63
N GLY D 200 20.42 12.65 -1.30
CA GLY D 200 19.39 13.21 -0.43
C GLY D 200 19.56 14.67 -0.09
N PHE D 201 20.60 15.33 -0.68
CA PHE D 201 20.86 16.76 -0.50
C PHE D 201 20.63 17.48 -1.83
N MET D 202 19.84 18.51 -1.77
CA MET D 202 19.49 19.35 -2.91
C MET D 202 20.00 20.75 -2.65
N GLY D 203 20.60 21.36 -3.67
CA GLY D 203 21.07 22.73 -3.59
C GLY D 203 20.03 23.72 -4.07
N MET D 204 19.60 24.63 -3.19
CA MET D 204 18.66 25.70 -3.51
C MET D 204 18.83 26.85 -2.52
N ASP D 205 19.02 28.06 -3.01
CA ASP D 205 19.16 29.21 -2.14
C ASP D 205 17.77 29.76 -1.84
N ILE D 206 17.52 30.01 -0.56
CA ILE D 206 16.24 30.61 -0.21
C ILE D 206 16.54 32.09 0.09
N PRO D 207 15.91 32.98 -0.70
CA PRO D 207 16.26 34.39 -0.61
C PRO D 207 15.93 35.08 0.72
N PRO D 208 16.78 36.05 1.17
CA PRO D 208 16.44 36.83 2.38
C PRO D 208 15.15 37.65 2.14
N PRO D 209 14.36 38.08 3.18
CA PRO D 209 14.59 37.96 4.63
C PRO D 209 14.44 36.56 5.22
N SER D 210 13.59 35.68 4.64
CA SER D 210 13.38 34.32 5.17
C SER D 210 14.65 33.48 5.19
N GLY D 211 15.44 33.58 4.11
CA GLY D 211 16.71 32.88 3.99
C GLY D 211 17.93 33.68 4.38
N PRO D 212 19.13 33.09 4.28
CA PRO D 212 19.41 31.70 3.85
C PRO D 212 18.93 30.69 4.91
N LEU D 213 18.48 29.52 4.47
CA LEU D 213 18.00 28.46 5.35
C LEU D 213 18.37 27.11 4.80
N TRP D 214 18.82 26.21 5.68
CA TRP D 214 18.93 24.81 5.34
C TRP D 214 17.56 24.21 5.68
N ILE D 215 17.18 23.12 5.02
CA ILE D 215 15.92 22.46 5.29
C ILE D 215 16.21 21.06 5.73
N LEU D 216 15.72 20.68 6.93
CA LEU D 216 15.84 19.31 7.42
C LEU D 216 14.51 18.66 7.00
N GLY D 217 14.53 17.99 5.85
CA GLY D 217 13.36 17.36 5.24
C GLY D 217 13.11 15.94 5.70
N ASP D 218 12.33 15.16 4.91
CA ASP D 218 11.96 13.76 5.23
C ASP D 218 13.15 12.84 5.42
N VAL D 219 14.26 13.13 4.73
CA VAL D 219 15.50 12.39 4.87
C VAL D 219 15.95 12.42 6.36
N PHE D 220 15.90 13.61 7.00
CA PHE D 220 16.32 13.76 8.37
C PHE D 220 15.28 13.23 9.36
N ILE D 221 14.00 13.62 9.17
CA ILE D 221 12.88 13.24 10.06
C ILE D 221 12.69 11.72 10.09
N GLY D 222 12.96 11.08 8.97
CA GLY D 222 12.92 9.63 8.83
C GLY D 222 13.89 8.93 9.77
N ARG D 223 15.08 9.51 9.97
CA ARG D 223 16.08 8.91 10.87
C ARG D 223 15.88 9.43 12.30
N TYR D 224 15.34 10.65 12.46
CA TYR D 224 15.12 11.23 13.78
C TYR D 224 13.69 11.58 14.01
N TYR D 225 13.02 10.80 14.87
CA TYR D 225 11.64 11.04 15.28
C TYR D 225 11.54 12.49 15.78
N THR D 226 10.56 13.24 15.28
CA THR D 226 10.49 14.68 15.57
C THR D 226 9.23 15.07 16.28
N VAL D 227 9.40 15.88 17.36
CA VAL D 227 8.33 16.46 18.17
C VAL D 227 8.30 17.99 17.89
N PHE D 228 7.11 18.54 17.58
CA PHE D 228 6.89 19.96 17.30
C PHE D 228 6.05 20.45 18.49
N ASP D 229 6.67 21.27 19.36
CA ASP D 229 6.05 21.69 20.61
C ASP D 229 5.61 23.17 20.58
N ARG D 230 4.30 23.43 20.50
CA ARG D 230 3.76 24.79 20.48
C ARG D 230 3.63 25.41 21.89
N ASP D 231 3.60 24.56 22.93
CA ASP D 231 3.53 25.02 24.33
C ASP D 231 4.85 25.68 24.73
N ASN D 232 5.99 25.10 24.31
CA ASN D 232 7.28 25.67 24.67
C ASN D 232 8.09 26.21 23.51
N ASN D 233 7.51 26.22 22.28
CA ASN D 233 8.18 26.71 21.06
C ASN D 233 9.53 26.05 20.86
N ARG D 234 9.49 24.73 20.76
CA ARG D 234 10.72 23.97 20.63
C ARG D 234 10.51 22.79 19.73
N VAL D 235 11.60 22.24 19.21
CA VAL D 235 11.56 21.03 18.40
C VAL D 235 12.37 19.97 19.15
N GLY D 236 11.82 18.76 19.25
CA GLY D 236 12.50 17.63 19.88
C GLY D 236 12.86 16.56 18.87
N PHE D 237 14.05 15.95 19.06
CA PHE D 237 14.52 14.84 18.23
C PHE D 237 14.93 13.67 19.09
N ALA D 238 14.68 12.46 18.57
CA ALA D 238 15.16 11.22 19.17
C ALA D 238 15.43 10.25 18.01
N GLU D 239 16.32 9.29 18.24
CA GLU D 239 16.62 8.28 17.25
C GLU D 239 15.32 7.48 16.93
N ALA D 240 14.92 7.39 15.64
CA ALA D 240 13.71 6.64 15.23
C ALA D 240 13.93 5.14 15.44
N ALA D 241 12.86 4.42 15.77
CA ALA D 241 12.87 2.96 15.93
C ALA D 241 13.04 2.28 14.57
C1 NAG E . 18.42 -15.29 -10.46
C2 NAG E . 19.34 -15.32 -11.69
C3 NAG E . 18.94 -14.17 -12.61
C4 NAG E . 17.46 -14.26 -12.97
C5 NAG E . 16.62 -14.34 -11.69
C6 NAG E . 15.13 -14.56 -11.92
C7 NAG E . 21.35 -14.43 -10.48
C8 NAG E . 22.78 -14.72 -10.14
N2 NAG E . 20.77 -15.28 -11.37
O3 NAG E . 19.73 -14.21 -13.79
O4 NAG E . 17.11 -13.13 -13.78
O5 NAG E . 17.07 -15.43 -10.89
O6 NAG E . 14.46 -13.31 -11.86
O7 NAG E . 20.75 -13.49 -9.97
C1 NAG E . 16.09 -13.26 -14.78
C2 NAG E . 15.64 -11.88 -15.25
C3 NAG E . 14.53 -12.06 -16.29
C4 NAG E . 14.98 -12.99 -17.41
C5 NAG E . 15.47 -14.32 -16.84
C6 NAG E . 16.05 -15.25 -17.88
C7 NAG E . 15.80 -9.97 -13.70
C8 NAG E . 15.15 -9.26 -12.54
N2 NAG E . 15.17 -11.08 -14.13
O3 NAG E . 14.19 -10.79 -16.83
O4 NAG E . 13.91 -13.20 -18.33
O5 NAG E . 16.50 -14.08 -15.88
O6 NAG E . 16.66 -16.39 -17.28
O7 NAG E . 16.83 -9.56 -14.22
C1 NAG F . -13.11 34.82 5.24
C2 NAG F . -13.78 35.77 6.24
C3 NAG F . -12.78 36.87 6.61
C4 NAG F . -11.47 36.26 7.12
C5 NAG F . -10.94 35.22 6.14
C6 NAG F . -9.72 34.45 6.61
C7 NAG F . -15.28 36.83 4.55
C8 NAG F . -16.72 37.11 4.22
N2 NAG F . -15.04 36.33 5.78
O3 NAG F . -13.35 37.72 7.60
O4 NAG F . -10.51 37.30 7.32
O5 NAG F . -11.97 34.24 5.87
O6 NAG F . -9.91 33.72 7.81
O7 NAG F . -14.38 37.04 3.74
C1 NAG F . -9.54 37.18 8.38
C2 NAG F . -8.45 38.23 8.18
C3 NAG F . -7.41 38.05 9.30
C4 NAG F . -8.07 38.11 10.67
C5 NAG F . -9.19 37.07 10.75
C6 NAG F . -9.98 37.12 12.03
C7 NAG F . -7.91 39.04 5.91
C8 NAG F . -7.14 38.76 4.66
N2 NAG F . -7.82 38.11 6.88
O3 NAG F . -6.41 39.06 9.19
O4 NAG F . -7.11 37.86 11.69
O5 NAG F . -10.13 37.30 9.68
O6 NAG F . -11.10 36.25 11.99
O7 NAG F . -8.57 40.07 6.05
C1 2RZ G . -5.94 -7.25 -7.81
C2 2RZ G . -6.05 -8.61 -8.15
C3 2RZ G . -5.47 -9.59 -7.37
C7 2RZ G . -5.14 -11.00 -4.52
C9 2RZ G . -5.77 -10.12 -3.45
C12 2RZ G . -4.62 -7.87 -5.88
C13 2RZ G . -7.89 -9.27 -2.36
C14 2RZ G . -7.51 -7.81 -2.29
C15 2RZ G . -7.37 -7.20 -1.03
C16 2RZ G . -7.05 -5.84 -0.93
C21 2RZ G . -2.33 -14.65 2.36
C22 2RZ G . -3.49 -15.42 2.51
C24 2RZ G . -3.55 -15.80 0.13
O28 2RZ G . -5.20 -16.77 1.64
C30 2RZ G . -3.46 -15.15 4.94
C31 2RZ G . -1.86 -14.74 -1.40
C32 2RZ G . -2.74 -13.74 -2.10
C34 2RZ G . -6.98 -5.72 -3.35
C35 2RZ G . -6.85 -5.10 -2.10
C4 2RZ G . -4.73 -9.22 -6.25
C5 2RZ G . -5.22 -6.89 -6.66
C6 2RZ G . -4.08 -10.25 -5.37
N8 2RZ G . -4.40 -11.98 -3.73
O10 2RZ G . -5.04 -9.60 -2.60
N11 2RZ G . -7.13 -10.01 -3.39
C17 2RZ G . -7.37 -7.05 -3.44
C18 2RZ G . -3.97 -13.22 -4.16
N19 2RZ G . -4.34 -13.72 -5.30
N20 2RZ G . -3.16 -13.99 -3.35
C23 2RZ G . -4.09 -16.01 1.39
C25 2RZ G . -2.42 -15.01 -0.03
C26 2RZ G . -1.80 -14.43 1.08
O27 2RZ G . -4.04 -15.70 3.74
C29 2RZ G . -6.01 -17.37 0.61
O33 2RZ G . -3.05 -12.72 -1.52
O36 2RZ G . -6.53 -3.77 -1.99
O37 2RZ G . -6.89 -5.23 0.28
C38 2RZ G . -7.51 -5.77 1.46
C39 2RZ G . -6.34 -2.96 -3.17
C1 NAG H . -11.72 -16.29 -28.65
C2 NAG H . -12.68 -15.71 -29.69
C3 NAG H . -12.60 -16.56 -30.96
C4 NAG H . -11.15 -16.69 -31.45
C5 NAG H . -10.26 -17.22 -30.33
C6 NAG H . -8.79 -17.29 -30.69
C7 NAG H . -14.77 -14.61 -28.96
C8 NAG H . -16.15 -14.82 -28.43
N2 NAG H . -14.03 -15.72 -29.16
O3 NAG H . -13.42 -16.01 -31.99
O4 NAG H . -11.09 -17.55 -32.58
O5 NAG H . -10.39 -16.39 -29.17
O6 NAG H . -8.13 -16.04 -30.52
O7 NAG H . -14.33 -13.48 -29.20
C ACT I . -7.22 -13.39 0.43
O ACT I . -8.45 -13.31 0.12
OXT ACT I . -6.77 -14.09 1.34
CH3 ACT I . -6.18 -12.60 -0.38
C ACT J . 9.10 18.41 -1.63
O ACT J . 8.77 17.34 -1.11
OXT ACT J . 10.26 18.82 -1.72
CH3 ACT J . 7.99 19.30 -2.21
C1 2RZ K . 11.69 27.84 2.29
C2 2RZ K . 11.20 26.95 3.25
C3 2RZ K . 10.10 26.14 2.95
C7 2RZ K . 8.75 23.88 1.07
C9 2RZ K . 9.62 23.73 -0.17
C12 2RZ K . 9.98 27.12 0.75
C13 2RZ K . 11.71 22.86 -1.24
C14 2RZ K . 12.12 24.13 -1.98
C15 2RZ K . 12.18 24.11 -3.38
C16 2RZ K . 12.58 25.25 -4.09
C21 2RZ K . 3.78 19.46 -3.57
C22 2RZ K . 4.34 18.24 -3.21
C24 2RZ K . 4.47 18.95 -0.88
O28 2RZ K . 5.23 16.74 -1.60
C30 2RZ K . 3.87 17.31 -5.42
C31 2RZ K . 3.68 21.31 -0.28
C32 2RZ K . 5.03 21.95 -0.05
C34 2RZ K . 12.80 26.45 -2.00
C35 2RZ K . 12.89 26.44 -3.40
C4 2RZ K . 9.51 26.20 1.71
C5 2RZ K . 11.07 27.94 1.05
C6 2RZ K . 8.33 25.34 1.35
N8 2RZ K . 7.55 23.10 0.78
O10 2RZ K . 9.21 24.12 -1.25
N11 2RZ K . 10.83 23.10 -0.07
C17 2RZ K . 12.43 25.30 -1.30
C18 2RZ K . 6.64 22.58 1.68
N19 2RZ K . 6.92 22.51 2.96
N20 2RZ K . 5.44 22.08 1.24
C23 2RZ K . 4.68 17.97 -1.86
C25 2RZ K . 3.89 20.18 -1.27
C26 2RZ K . 3.57 20.43 -2.59
O27 2RZ K . 4.55 17.27 -4.15
C29 2RZ K . 5.82 16.40 -0.33
O33 2RZ K . 5.73 22.30 -1.00
O36 2RZ K . 13.22 27.56 -4.13
O37 2RZ K . 12.63 25.25 -5.47
C38 2RZ K . 12.90 24.05 -6.20
C39 2RZ K . 13.82 28.72 -3.53
#